data_5OKL
#
_entry.id   5OKL
#
_cell.length_a   50.915
_cell.length_b   112.872
_cell.length_c   109.228
_cell.angle_alpha   90.00
_cell.angle_beta   93.39
_cell.angle_gamma   90.00
#
_symmetry.space_group_name_H-M   'P 1 21 1'
#
loop_
_entity.id
_entity.type
_entity.pdbx_description
1 polymer Afamin
2 branched beta-D-mannopyranose-(1-4)-2-acetamido-2-deoxy-beta-D-glucopyranose-(1-4)-2-acetamido-2-deoxy-beta-D-glucopyranose
3 branched 2-acetamido-2-deoxy-beta-D-glucopyranose-(1-4)-2-acetamido-2-deoxy-beta-D-glucopyranose
4 non-polymer 'CHLORIDE ION'
5 non-polymer 2-acetamido-2-deoxy-beta-D-glucopyranose
6 non-polymer 'PALMITOLEIC ACID'
7 water water
#
_entity_poly.entity_id   1
_entity_poly.type   'polypeptide(L)'
_entity_poly.pdbx_seq_one_letter_code
;LPTQPRDIENFNSTQKFIEDNIEYITIIAFAQYVQEATFEEMEKLVKDMVEYKDRCMADKTLPECSKLPNNVLQEKICAM
EGLPQKHNFSHCCSKVDAQRRLCFFYNKKSDVGFLPPFPTLDPEEKCQAYESNRESLLNHFLYEVARRNPFVFAPTLLTV
AVHFEEVAKSCCEEQNKVNCLQTRAIPVTQYLKAFSSYQKHVCGALLKFGTKVVHFIYIAILSQKFPKIEFKELISLVED
VSSNYDGCCEGDVVQCIRDTSKVMNHICSKQDSISSKIKECCEKKIPERGQCIINSNKDDRPKDLSLREGKFTDSENVCQ
ERDADPDTFFAKFTFEYSRRHPDLSIPELLRIVQIYKDLLRNCCNTENPPGCYRYAEDKFNETTEKSLKMVQQECKHFQN
LGKDGLKYHYLIRLTKIAPQLSTEELVSLGEKMVTAFTTCCTLSEEFACVDNLADLVFGELCGVNENRTINPAVDHCCKT
NFAFRRPCFESLKADKTYVPPPFSQDLFTFHADMCQSQNEELQRKTDRFLVNLVKLKHELTDEELQSLFTNFANVVDKCC
KAESPEVCFNEESPKIGNKGENLYFQ
;
_entity_poly.pdbx_strand_id   A,B
#
# COMPACT_ATOMS: atom_id res chain seq x y z
N PHE A 11 -31.77 25.12 -6.30
CA PHE A 11 -31.00 23.99 -6.91
C PHE A 11 -29.70 24.46 -7.58
N ASN A 12 -29.79 25.46 -8.45
CA ASN A 12 -28.65 25.87 -9.27
C ASN A 12 -27.51 26.58 -8.54
N SER A 13 -27.79 27.42 -7.54
CA SER A 13 -26.72 27.92 -6.66
C SER A 13 -26.03 26.78 -5.90
N THR A 14 -26.83 25.78 -5.50
CA THR A 14 -26.33 24.64 -4.73
C THR A 14 -25.47 23.76 -5.62
N GLN A 15 -25.90 23.59 -6.86
CA GLN A 15 -25.15 22.85 -7.86
C GLN A 15 -23.78 23.51 -8.13
N LYS A 16 -23.78 24.85 -8.26
CA LYS A 16 -22.55 25.63 -8.39
C LYS A 16 -21.63 25.42 -7.19
N PHE A 17 -22.19 25.52 -5.99
CA PHE A 17 -21.39 25.37 -4.75
C PHE A 17 -20.73 24.00 -4.68
N ILE A 18 -21.47 22.94 -5.04
CA ILE A 18 -20.94 21.58 -5.02
C ILE A 18 -19.80 21.42 -6.03
N GLU A 19 -20.02 21.88 -7.26
CA GLU A 19 -18.99 21.79 -8.30
C GLU A 19 -17.73 22.59 -7.93
N ASP A 20 -17.92 23.81 -7.40
CA ASP A 20 -16.79 24.63 -6.96
C ASP A 20 -16.05 24.09 -5.71
N ASN A 21 -16.72 23.32 -4.86
CA ASN A 21 -16.10 22.79 -3.63
C ASN A 21 -15.87 21.28 -3.68
N ILE A 22 -15.87 20.71 -4.87
CA ILE A 22 -15.78 19.25 -5.04
C ILE A 22 -14.55 18.64 -4.34
N GLU A 23 -13.44 19.39 -4.28
CA GLU A 23 -12.24 18.91 -3.58
C GLU A 23 -12.53 18.71 -2.09
N TYR A 24 -13.02 19.76 -1.43
CA TYR A 24 -13.35 19.68 -0.01
C TYR A 24 -14.36 18.57 0.32
N ILE A 25 -15.40 18.46 -0.51
CA ILE A 25 -16.47 17.48 -0.33
C ILE A 25 -15.97 16.03 -0.45
N THR A 26 -15.13 15.78 -1.45
CA THR A 26 -14.56 14.47 -1.65
C THR A 26 -13.70 14.06 -0.46
N ILE A 27 -12.89 14.98 0.05
CA ILE A 27 -12.05 14.73 1.23
C ILE A 27 -12.88 14.41 2.49
N ILE A 28 -13.97 15.16 2.69
CA ILE A 28 -14.85 14.90 3.83
C ILE A 28 -15.41 13.47 3.77
N ALA A 29 -15.99 13.10 2.63
CA ALA A 29 -16.65 11.80 2.47
C ALA A 29 -15.72 10.62 2.70
N PHE A 30 -14.60 10.63 2.00
CA PHE A 30 -13.62 9.55 2.07
C PHE A 30 -12.99 9.47 3.45
N ALA A 31 -12.59 10.61 4.01
CA ALA A 31 -12.00 10.63 5.36
C ALA A 31 -12.97 10.17 6.45
N GLN A 32 -14.27 10.45 6.29
CA GLN A 32 -15.28 9.98 7.25
C GLN A 32 -15.56 8.49 7.08
N TYR A 33 -15.68 8.03 5.84
CA TYR A 33 -15.97 6.61 5.55
C TYR A 33 -14.79 5.67 5.83
N VAL A 34 -13.58 6.13 5.47
CA VAL A 34 -12.36 5.35 5.70
C VAL A 34 -11.38 6.21 6.49
N GLN A 35 -11.51 6.09 7.81
CA GLN A 35 -10.80 6.96 8.75
C GLN A 35 -9.29 6.67 8.82
N GLU A 36 -8.90 5.49 8.36
CA GLU A 36 -7.50 5.03 8.29
C GLU A 36 -6.75 5.55 7.05
N ALA A 37 -7.45 6.00 6.01
CA ALA A 37 -6.85 6.42 4.75
C ALA A 37 -5.93 7.64 4.90
N THR A 38 -4.85 7.66 4.13
CA THR A 38 -3.82 8.70 4.23
C THR A 38 -4.22 9.89 3.40
N PHE A 39 -3.55 11.02 3.61
CA PHE A 39 -3.80 12.21 2.79
C PHE A 39 -3.48 11.99 1.31
N GLU A 40 -2.41 11.25 1.02
CA GLU A 40 -2.06 10.96 -0.37
C GLU A 40 -3.19 10.23 -1.09
N GLU A 41 -3.82 9.27 -0.41
CA GLU A 41 -4.99 8.55 -0.96
C GLU A 41 -6.23 9.46 -1.18
N MET A 42 -6.44 10.43 -0.29
CA MET A 42 -7.44 11.50 -0.47
C MET A 42 -7.23 12.25 -1.80
N GLU A 43 -5.98 12.65 -2.06
CA GLU A 43 -5.59 13.33 -3.31
C GLU A 43 -5.83 12.47 -4.55
N LYS A 44 -5.69 11.16 -4.40
CA LYS A 44 -5.99 10.22 -5.49
C LYS A 44 -7.47 10.30 -5.85
N LEU A 45 -8.35 10.19 -4.84
CA LEU A 45 -9.80 10.25 -5.07
C LEU A 45 -10.25 11.64 -5.54
N VAL A 46 -9.59 12.70 -5.09
CA VAL A 46 -9.92 14.08 -5.54
C VAL A 46 -9.73 14.22 -7.04
N LYS A 47 -8.59 13.76 -7.53
CA LYS A 47 -8.30 13.69 -8.97
C LYS A 47 -9.44 13.00 -9.73
N ASP A 48 -9.75 11.77 -9.32
CA ASP A 48 -10.80 10.99 -9.99
C ASP A 48 -12.20 11.59 -9.89
N MET A 49 -12.49 12.28 -8.79
CA MET A 49 -13.77 12.97 -8.67
C MET A 49 -13.82 14.26 -9.51
N VAL A 50 -12.71 15.00 -9.59
CA VAL A 50 -12.65 16.20 -10.44
C VAL A 50 -12.80 15.84 -11.92
N GLU A 51 -12.20 14.72 -12.32
CA GLU A 51 -12.37 14.18 -13.68
C GLU A 51 -13.83 13.82 -13.97
N TYR A 52 -14.48 13.17 -13.01
CA TYR A 52 -15.90 12.83 -13.11
C TYR A 52 -16.75 14.09 -13.30
N LYS A 53 -16.44 15.13 -12.53
CA LYS A 53 -17.14 16.42 -12.61
C LYS A 53 -17.05 17.03 -14.00
N ASP A 54 -15.83 17.06 -14.54
CA ASP A 54 -15.56 17.65 -15.86
C ASP A 54 -16.21 16.85 -16.99
N ARG A 55 -16.03 15.52 -16.95
CA ARG A 55 -16.64 14.63 -17.94
C ARG A 55 -18.18 14.62 -17.93
N CYS A 56 -18.80 15.08 -16.85
CA CYS A 56 -20.27 15.25 -16.79
C CYS A 56 -20.70 16.64 -17.28
N MET A 57 -19.97 17.69 -16.89
CA MET A 57 -20.25 19.05 -17.37
C MET A 57 -20.17 19.09 -18.91
N ALA A 58 -19.07 18.57 -19.45
CA ALA A 58 -18.95 18.36 -20.89
C ALA A 58 -19.72 17.10 -21.30
N ASP A 59 -20.94 17.31 -21.81
CA ASP A 59 -21.87 16.24 -22.25
C ASP A 59 -22.39 15.38 -21.08
N LYS A 60 -23.54 15.78 -20.54
CA LYS A 60 -24.19 15.05 -19.43
C LYS A 60 -24.70 13.65 -19.80
N THR A 61 -25.08 13.45 -21.06
CA THR A 61 -25.65 12.18 -21.52
C THR A 61 -24.57 11.10 -21.64
N LEU A 62 -24.23 10.51 -20.49
CA LEU A 62 -23.29 9.39 -20.40
C LEU A 62 -23.86 8.34 -19.42
N PRO A 63 -23.39 7.08 -19.52
CA PRO A 63 -23.91 6.04 -18.61
C PRO A 63 -23.54 6.27 -17.14
N GLU A 64 -22.32 6.74 -16.90
CA GLU A 64 -21.80 6.95 -15.54
C GLU A 64 -22.35 8.24 -14.89
N CYS A 65 -22.79 9.19 -15.72
CA CYS A 65 -23.30 10.47 -15.23
C CYS A 65 -24.69 10.39 -14.57
N SER A 66 -25.43 9.32 -14.85
CA SER A 66 -26.77 9.10 -14.26
C SER A 66 -26.75 8.64 -12.79
N LYS A 67 -25.67 7.98 -12.39
CA LYS A 67 -25.58 7.35 -11.06
C LYS A 67 -25.51 8.37 -9.93
N LEU A 68 -25.99 7.98 -8.75
CA LEU A 68 -25.99 8.86 -7.58
C LEU A 68 -24.56 9.13 -7.09
N PRO A 69 -24.26 10.39 -6.68
CA PRO A 69 -22.87 10.74 -6.31
C PRO A 69 -22.25 9.92 -5.16
N ASN A 70 -23.05 9.41 -4.22
CA ASN A 70 -22.49 8.57 -3.14
C ASN A 70 -22.11 7.18 -3.65
N ASN A 71 -22.93 6.61 -4.53
CA ASN A 71 -22.61 5.34 -5.19
C ASN A 71 -21.34 5.46 -6.06
N VAL A 72 -21.13 6.61 -6.71
CA VAL A 72 -19.95 6.83 -7.54
C VAL A 72 -18.72 6.94 -6.66
N LEU A 73 -18.82 7.76 -5.63
CA LEU A 73 -17.73 7.95 -4.67
C LEU A 73 -17.30 6.63 -4.05
N GLN A 74 -18.29 5.83 -3.64
CA GLN A 74 -18.03 4.55 -2.99
C GLN A 74 -17.48 3.48 -3.95
N GLU A 75 -17.87 3.54 -5.23
CA GLU A 75 -17.30 2.65 -6.27
C GLU A 75 -15.81 2.94 -6.48
N LYS A 76 -15.46 4.23 -6.59
CA LYS A 76 -14.05 4.64 -6.75
C LYS A 76 -13.16 4.37 -5.54
N ILE A 77 -13.73 4.46 -4.32
CA ILE A 77 -13.01 4.01 -3.12
C ILE A 77 -12.78 2.51 -3.19
N CYS A 78 -13.82 1.78 -3.58
CA CYS A 78 -13.75 0.32 -3.69
C CYS A 78 -12.84 -0.16 -4.83
N ALA A 79 -12.63 0.67 -5.86
CA ALA A 79 -11.71 0.36 -6.96
C ALA A 79 -10.25 0.74 -6.71
N MET A 80 -9.90 1.27 -5.53
CA MET A 80 -8.50 1.64 -5.26
C MET A 80 -7.68 0.42 -4.85
N GLU A 81 -6.54 0.25 -5.53
CA GLU A 81 -5.66 -0.91 -5.41
C GLU A 81 -5.34 -1.23 -3.96
N GLY A 82 -5.82 -2.38 -3.48
CA GLY A 82 -5.50 -2.85 -2.12
C GLY A 82 -6.25 -2.23 -0.94
N LEU A 83 -6.92 -1.09 -1.14
CA LEU A 83 -7.56 -0.35 -0.03
C LEU A 83 -8.54 -1.13 0.83
N PRO A 84 -9.52 -1.82 0.20
CA PRO A 84 -10.48 -2.57 1.02
C PRO A 84 -9.86 -3.49 2.08
N GLN A 85 -8.87 -4.27 1.66
CA GLN A 85 -8.21 -5.26 2.51
C GLN A 85 -7.24 -4.58 3.47
N LYS A 86 -6.55 -3.55 2.99
CA LYS A 86 -5.58 -2.80 3.80
C LYS A 86 -6.25 -2.13 5.02
N HIS A 87 -7.42 -1.51 4.83
CA HIS A 87 -8.19 -0.94 5.95
C HIS A 87 -9.49 -1.68 6.33
N ASN A 88 -9.59 -2.97 5.96
CA ASN A 88 -10.63 -3.86 6.50
C ASN A 88 -12.08 -3.42 6.15
N PHE A 89 -12.34 -3.07 4.88
CA PHE A 89 -13.71 -2.80 4.38
C PHE A 89 -14.11 -3.57 3.10
N SER A 90 -13.47 -4.71 2.86
CA SER A 90 -13.79 -5.55 1.70
C SER A 90 -15.21 -6.15 1.78
N HIS A 91 -15.72 -6.33 3.01
CA HIS A 91 -17.09 -6.77 3.21
C HIS A 91 -18.12 -5.79 2.58
N CYS A 92 -17.83 -4.50 2.62
CA CYS A 92 -18.70 -3.48 2.02
C CYS A 92 -18.62 -3.43 0.50
N CYS A 93 -17.44 -3.63 -0.08
CA CYS A 93 -17.27 -3.65 -1.54
C CYS A 93 -17.87 -4.89 -2.20
N SER A 94 -17.91 -5.99 -1.45
CA SER A 94 -18.55 -7.24 -1.87
C SER A 94 -20.08 -7.18 -1.88
N LYS A 95 -20.67 -6.17 -1.26
CA LYS A 95 -22.09 -5.84 -1.42
C LYS A 95 -22.25 -4.77 -2.49
N VAL A 96 -23.50 -4.51 -2.88
CA VAL A 96 -23.81 -3.44 -3.85
C VAL A 96 -25.02 -2.59 -3.47
N ASP A 97 -25.05 -1.37 -4.01
CA ASP A 97 -26.21 -0.48 -3.95
C ASP A 97 -26.54 -0.13 -2.48
N ALA A 98 -27.76 -0.40 -2.02
CA ALA A 98 -28.21 0.03 -0.70
C ALA A 98 -27.49 -0.73 0.41
N GLN A 99 -27.26 -2.02 0.20
CA GLN A 99 -26.53 -2.84 1.16
C GLN A 99 -25.06 -2.39 1.29
N ARG A 100 -24.46 -1.87 0.21
CA ARG A 100 -23.09 -1.34 0.27
C ARG A 100 -23.07 -0.03 1.02
N ARG A 101 -24.03 0.85 0.70
CA ARG A 101 -24.17 2.13 1.37
C ARG A 101 -24.34 1.94 2.87
N LEU A 102 -25.15 0.95 3.25
CA LEU A 102 -25.40 0.62 4.63
C LEU A 102 -24.15 0.07 5.31
N CYS A 103 -23.41 -0.80 4.62
CA CYS A 103 -22.14 -1.32 5.14
C CYS A 103 -21.13 -0.22 5.40
N PHE A 104 -21.03 0.76 4.49
CA PHE A 104 -20.13 1.90 4.67
C PHE A 104 -20.49 2.80 5.85
N PHE A 105 -21.79 3.02 6.06
CA PHE A 105 -22.30 3.73 7.24
C PHE A 105 -21.88 3.02 8.52
N TYR A 106 -22.08 1.69 8.56
CA TYR A 106 -21.61 0.87 9.68
C TYR A 106 -20.08 0.80 9.82
N ASN A 107 -19.34 1.05 8.75
CA ASN A 107 -17.86 1.11 8.82
C ASN A 107 -17.31 2.28 9.68
N LYS A 108 -18.08 3.34 9.89
CA LYS A 108 -17.60 4.49 10.65
C LYS A 108 -17.40 4.12 12.14
N LYS A 109 -16.38 4.69 12.77
CA LYS A 109 -16.07 4.45 14.20
C LYS A 109 -16.14 5.75 14.95
N SER A 110 -17.04 5.88 15.93
CA SER A 110 -17.00 7.05 16.83
C SER A 110 -15.75 7.02 17.74
N ASP A 111 -15.30 5.82 18.13
CA ASP A 111 -14.07 5.66 18.92
C ASP A 111 -12.84 5.83 18.01
N VAL A 112 -12.25 7.02 18.07
CA VAL A 112 -11.07 7.36 17.27
C VAL A 112 -9.80 7.43 18.12
N GLY A 113 -9.71 6.59 19.15
CA GLY A 113 -8.49 6.43 19.95
C GLY A 113 -7.32 5.92 19.13
N PHE A 114 -7.59 5.03 18.18
CA PHE A 114 -6.55 4.51 17.26
C PHE A 114 -5.75 5.55 16.46
N LEU A 115 -6.29 6.77 16.33
CA LEU A 115 -5.59 7.85 15.63
C LEU A 115 -4.66 8.63 16.56
N PRO A 116 -3.60 9.24 15.99
CA PRO A 116 -2.69 10.07 16.77
C PRO A 116 -3.31 11.40 17.20
N PRO A 117 -2.56 12.24 17.94
CA PRO A 117 -3.05 13.59 18.24
C PRO A 117 -3.16 14.46 16.99
N PHE A 118 -3.89 15.57 17.12
CA PHE A 118 -4.24 16.41 15.98
C PHE A 118 -3.02 17.27 15.63
N PRO A 119 -2.54 17.24 14.36
CA PRO A 119 -1.26 17.91 14.07
C PRO A 119 -1.28 19.45 14.13
N THR A 120 -0.08 20.04 14.21
CA THR A 120 0.08 21.49 14.35
C THR A 120 0.36 22.14 13.00
N LEU A 121 -0.68 22.74 12.40
CA LEU A 121 -0.55 23.42 11.09
C LEU A 121 0.29 24.68 11.20
N ASP A 122 1.11 24.96 10.17
CA ASP A 122 2.19 25.97 10.22
C ASP A 122 2.03 27.00 9.11
N GLU A 135 -4.26 26.10 -1.49
CA GLU A 135 -5.22 25.94 -0.38
C GLU A 135 -5.10 24.56 0.33
N SER A 136 -3.85 24.16 0.50
CA SER A 136 -3.52 22.87 1.12
C SER A 136 -3.78 22.86 2.63
N LEU A 137 -3.74 24.05 3.26
CA LEU A 137 -4.06 24.18 4.69
C LEU A 137 -5.51 23.73 4.97
N LEU A 138 -6.47 24.23 4.19
CA LEU A 138 -7.86 23.80 4.34
C LEU A 138 -8.06 22.31 4.02
N ASN A 139 -7.48 21.86 2.91
CA ASN A 139 -7.46 20.42 2.59
C ASN A 139 -7.01 19.57 3.79
N HIS A 140 -5.91 19.97 4.42
CA HIS A 140 -5.34 19.22 5.55
C HIS A 140 -6.19 19.31 6.80
N PHE A 141 -6.63 20.51 7.15
CA PHE A 141 -7.57 20.71 8.25
C PHE A 141 -8.84 19.83 8.11
N LEU A 142 -9.46 19.89 6.92
CA LEU A 142 -10.70 19.12 6.65
C LEU A 142 -10.51 17.63 6.75
N TYR A 143 -9.41 17.15 6.19
CA TYR A 143 -9.01 15.74 6.28
C TYR A 143 -8.87 15.30 7.73
N GLU A 144 -8.12 16.07 8.52
CA GLU A 144 -7.81 15.74 9.90
C GLU A 144 -9.02 15.85 10.82
N VAL A 145 -9.87 16.85 10.61
CA VAL A 145 -11.11 16.99 11.40
C VAL A 145 -12.10 15.87 11.00
N ALA A 146 -12.29 15.63 9.71
CA ALA A 146 -13.32 14.70 9.24
C ALA A 146 -13.10 13.26 9.68
N ARG A 147 -11.87 12.79 9.62
CA ARG A 147 -11.54 11.44 10.07
C ARG A 147 -11.69 11.23 11.59
N ARG A 148 -11.59 12.30 12.36
CA ARG A 148 -11.83 12.25 13.82
C ARG A 148 -13.28 12.52 14.23
N ASN A 149 -14.07 13.04 13.28
CA ASN A 149 -15.49 13.35 13.49
C ASN A 149 -16.26 12.82 12.29
N PRO A 150 -16.46 11.49 12.24
CA PRO A 150 -16.97 10.84 11.04
C PRO A 150 -18.46 11.04 10.77
N PHE A 151 -19.21 11.56 11.75
CA PHE A 151 -20.65 11.75 11.60
C PHE A 151 -21.10 13.20 11.38
N VAL A 152 -20.24 14.18 11.64
CA VAL A 152 -20.58 15.59 11.48
C VAL A 152 -20.94 15.92 10.02
N PHE A 153 -22.01 16.69 9.86
CA PHE A 153 -22.58 16.95 8.53
C PHE A 153 -21.70 17.97 7.82
N ALA A 154 -21.64 17.88 6.49
CA ALA A 154 -20.72 18.70 5.68
C ALA A 154 -20.91 20.21 5.76
N PRO A 155 -22.16 20.71 5.73
CA PRO A 155 -22.35 22.15 5.91
C PRO A 155 -21.70 22.71 7.18
N THR A 156 -21.81 21.95 8.28
CA THR A 156 -21.17 22.30 9.53
C THR A 156 -19.65 22.30 9.37
N LEU A 157 -19.12 21.26 8.75
CA LEU A 157 -17.68 21.12 8.58
C LEU A 157 -17.08 22.18 7.67
N LEU A 158 -17.74 22.49 6.56
CA LEU A 158 -17.26 23.52 5.64
C LEU A 158 -17.29 24.92 6.28
N THR A 159 -18.30 25.18 7.11
CA THR A 159 -18.39 26.44 7.87
C THR A 159 -17.32 26.51 8.98
N VAL A 160 -17.04 25.38 9.63
CA VAL A 160 -15.94 25.31 10.61
C VAL A 160 -14.59 25.68 9.96
N ALA A 161 -14.33 25.15 8.76
CA ALA A 161 -13.08 25.42 8.02
C ALA A 161 -12.91 26.89 7.63
N VAL A 162 -13.99 27.53 7.21
CA VAL A 162 -13.99 28.97 6.92
C VAL A 162 -13.66 29.78 8.19
N HIS A 163 -14.18 29.37 9.36
CA HIS A 163 -13.82 29.98 10.64
C HIS A 163 -12.36 29.68 11.03
N PHE A 164 -11.83 28.54 10.60
CA PHE A 164 -10.43 28.20 10.83
C PHE A 164 -9.46 29.04 9.95
N GLU A 165 -9.82 29.24 8.68
CA GLU A 165 -9.02 30.10 7.77
C GLU A 165 -8.88 31.53 8.32
N GLU A 166 -9.96 32.07 8.87
CA GLU A 166 -9.95 33.42 9.48
C GLU A 166 -9.08 33.45 10.75
N VAL A 167 -9.21 32.42 11.60
CA VAL A 167 -8.42 32.32 12.84
C VAL A 167 -6.93 32.07 12.58
N ALA A 168 -6.62 31.11 11.70
CA ALA A 168 -5.26 30.93 11.15
C ALA A 168 -4.62 32.23 10.65
N LYS A 169 -5.38 32.97 9.84
CA LYS A 169 -4.90 34.22 9.23
C LYS A 169 -4.68 35.37 10.23
N SER A 170 -5.37 35.33 11.38
CA SER A 170 -5.14 36.30 12.46
C SER A 170 -3.89 35.99 13.30
N CYS A 171 -3.12 34.97 12.93
CA CYS A 171 -1.79 34.73 13.52
C CYS A 171 -0.70 35.28 12.58
N CYS A 172 0.06 36.28 13.07
CA CYS A 172 1.05 37.04 12.27
C CYS A 172 1.90 36.18 11.33
N ASN A 176 5.46 32.88 17.19
CA ASN A 176 5.03 31.51 17.42
C ASN A 176 3.60 31.31 16.86
N LYS A 177 3.47 31.56 15.56
CA LYS A 177 2.18 31.46 14.84
C LYS A 177 1.50 30.07 14.90
N VAL A 178 2.29 29.02 15.07
CA VAL A 178 1.76 27.65 15.30
C VAL A 178 0.98 27.58 16.63
N ASN A 179 1.60 28.00 17.73
CA ASN A 179 0.93 28.01 19.04
C ASN A 179 -0.17 29.09 19.16
N CYS A 180 -0.08 30.14 18.35
CA CYS A 180 -1.21 31.06 18.18
C CYS A 180 -2.44 30.33 17.62
N LEU A 181 -2.24 29.45 16.63
CA LEU A 181 -3.33 28.73 15.99
C LEU A 181 -3.99 27.69 16.91
N GLN A 182 -3.22 26.95 17.72
CA GLN A 182 -3.79 25.94 18.65
C GLN A 182 -4.68 26.56 19.75
N THR A 183 -4.16 27.56 20.45
CA THR A 183 -5.00 28.54 21.13
C THR A 183 -5.78 29.29 20.02
N ARG A 184 -6.90 29.88 20.37
CA ARG A 184 -7.81 30.54 19.38
C ARG A 184 -8.64 29.58 18.51
N ALA A 185 -8.20 28.32 18.32
CA ALA A 185 -9.01 27.29 17.65
C ALA A 185 -9.92 26.52 18.63
N ILE A 186 -9.76 26.76 19.93
CA ILE A 186 -10.59 26.13 20.97
C ILE A 186 -12.09 26.51 20.83
N PRO A 187 -12.41 27.78 20.51
CA PRO A 187 -13.79 28.15 20.15
C PRO A 187 -14.32 27.55 18.83
N VAL A 188 -13.43 27.30 17.88
CA VAL A 188 -13.79 26.66 16.62
C VAL A 188 -14.11 25.18 16.87
N THR A 189 -13.23 24.51 17.62
CA THR A 189 -13.44 23.16 18.09
C THR A 189 -14.72 23.02 18.92
N GLN A 190 -15.01 24.01 19.77
CA GLN A 190 -16.24 24.01 20.57
C GLN A 190 -17.49 24.12 19.68
N TYR A 191 -17.41 24.97 18.64
CA TYR A 191 -18.48 25.07 17.66
C TYR A 191 -18.73 23.74 16.91
N LEU A 192 -17.66 23.02 16.59
CA LEU A 192 -17.77 21.72 15.91
C LEU A 192 -18.44 20.67 16.77
N LYS A 193 -18.00 20.54 18.02
CA LYS A 193 -18.47 19.47 18.92
C LYS A 193 -19.91 19.67 19.37
N ALA A 194 -20.35 20.92 19.50
CA ALA A 194 -21.73 21.22 19.83
C ALA A 194 -22.68 20.74 18.72
N PHE A 195 -22.34 21.12 17.48
CA PHE A 195 -23.11 20.68 16.31
C PHE A 195 -23.10 19.16 16.11
N SER A 196 -21.92 18.56 16.14
CA SER A 196 -21.83 17.13 15.91
C SER A 196 -22.48 16.32 17.03
N SER A 197 -22.46 16.85 18.25
CA SER A 197 -23.15 16.21 19.36
C SER A 197 -24.66 16.15 19.11
N TYR A 198 -25.26 17.24 18.62
CA TYR A 198 -26.69 17.21 18.29
C TYR A 198 -26.99 16.33 17.05
N GLN A 199 -26.14 16.42 16.04
CA GLN A 199 -26.34 15.61 14.82
C GLN A 199 -26.26 14.13 15.13
N LYS A 200 -25.28 13.74 15.95
CA LYS A 200 -25.13 12.34 16.36
C LYS A 200 -26.30 11.81 17.18
N HIS A 201 -26.85 12.67 18.05
CA HIS A 201 -28.02 12.32 18.85
C HIS A 201 -29.24 12.07 17.96
N VAL A 202 -29.45 12.94 16.99
CA VAL A 202 -30.58 12.76 16.08
C VAL A 202 -30.35 11.52 15.18
N CYS A 203 -29.15 11.35 14.64
CA CYS A 203 -28.87 10.14 13.81
C CYS A 203 -28.97 8.82 14.60
N GLY A 204 -28.45 8.83 15.84
CA GLY A 204 -28.62 7.71 16.76
C GLY A 204 -30.07 7.38 17.00
N ALA A 205 -30.88 8.40 17.22
CA ALA A 205 -32.31 8.22 17.40
C ALA A 205 -33.00 7.67 16.14
N LEU A 206 -32.59 8.12 14.97
CA LEU A 206 -33.14 7.60 13.71
C LEU A 206 -32.84 6.09 13.58
N LEU A 207 -31.61 5.67 13.85
CA LEU A 207 -31.25 4.26 13.75
C LEU A 207 -32.04 3.38 14.72
N LYS A 208 -32.13 3.82 15.97
CA LYS A 208 -32.73 3.01 17.04
C LYS A 208 -34.25 3.09 17.08
N PHE A 209 -34.82 4.25 16.73
CA PHE A 209 -36.27 4.45 16.87
C PHE A 209 -37.05 4.73 15.59
N GLY A 210 -36.36 5.04 14.51
CA GLY A 210 -37.01 5.27 13.25
C GLY A 210 -37.48 6.70 13.08
N THR A 211 -37.95 6.95 11.88
CA THR A 211 -38.18 8.28 11.34
C THR A 211 -39.30 9.02 12.05
N LYS A 212 -40.25 8.28 12.59
CA LYS A 212 -41.32 8.91 13.34
C LYS A 212 -40.79 9.76 14.49
N VAL A 213 -39.84 9.22 15.26
CA VAL A 213 -39.27 9.97 16.39
C VAL A 213 -38.49 11.22 15.92
N VAL A 214 -37.76 11.12 14.81
CA VAL A 214 -37.10 12.33 14.25
C VAL A 214 -38.13 13.40 13.90
N HIS A 215 -39.29 12.99 13.35
CA HIS A 215 -40.33 13.95 13.01
C HIS A 215 -40.78 14.68 14.28
N PHE A 216 -41.07 13.93 15.33
CA PHE A 216 -41.56 14.54 16.56
C PHE A 216 -40.52 15.42 17.29
N ILE A 217 -39.24 15.06 17.18
CA ILE A 217 -38.17 15.93 17.63
C ILE A 217 -38.22 17.25 16.89
N TYR A 218 -38.37 17.18 15.58
CA TYR A 218 -38.34 18.45 14.83
C TYR A 218 -39.63 19.27 14.90
N ILE A 219 -40.78 18.64 15.10
CA ILE A 219 -42.01 19.36 15.43
C ILE A 219 -41.80 20.18 16.70
N ALA A 220 -41.26 19.55 17.74
CA ALA A 220 -40.97 20.25 19.01
C ALA A 220 -39.96 21.40 18.84
N ILE A 221 -38.81 21.12 18.23
CA ILE A 221 -37.76 22.12 18.02
C ILE A 221 -38.24 23.32 17.20
N LEU A 222 -38.79 23.06 16.01
CA LEU A 222 -39.16 24.15 15.11
C LEU A 222 -40.35 24.94 15.64
N SER A 223 -41.32 24.25 16.25
CA SER A 223 -42.47 24.92 16.87
C SER A 223 -42.03 25.81 18.00
N GLN A 224 -41.02 25.35 18.77
CA GLN A 224 -40.50 26.15 19.86
C GLN A 224 -39.75 27.37 19.35
N LYS A 225 -38.97 27.16 18.30
CA LYS A 225 -38.10 28.18 17.73
C LYS A 225 -38.84 29.21 16.88
N PHE A 226 -39.88 28.75 16.16
CA PHE A 226 -40.66 29.57 15.23
C PHE A 226 -42.12 29.56 15.67
N PRO A 227 -42.44 30.17 16.83
CA PRO A 227 -43.79 30.01 17.36
C PRO A 227 -44.92 30.59 16.49
N LYS A 228 -44.65 31.60 15.66
CA LYS A 228 -45.70 32.19 14.82
C LYS A 228 -46.04 31.36 13.56
N ILE A 229 -45.26 30.32 13.27
CA ILE A 229 -45.46 29.50 12.08
C ILE A 229 -46.83 28.80 12.11
N GLU A 230 -47.39 28.54 10.93
CA GLU A 230 -48.68 27.87 10.84
C GLU A 230 -48.45 26.38 10.75
N PHE A 231 -49.40 25.60 11.23
CA PHE A 231 -49.22 24.17 11.33
C PHE A 231 -48.86 23.49 9.99
N LYS A 232 -49.54 23.90 8.94
N LYS A 232 -49.54 23.89 8.93
CA LYS A 232 -49.35 23.29 7.62
CA LYS A 232 -49.34 23.27 7.63
C LYS A 232 -47.91 23.52 7.07
C LYS A 232 -47.91 23.52 7.08
N GLU A 233 -47.42 24.75 7.20
CA GLU A 233 -46.06 25.11 6.80
C GLU A 233 -44.99 24.42 7.69
N LEU A 234 -45.28 24.32 9.00
CA LEU A 234 -44.44 23.59 9.93
C LEU A 234 -44.25 22.13 9.50
N ILE A 235 -45.35 21.44 9.21
CA ILE A 235 -45.30 20.04 8.83
C ILE A 235 -44.51 19.85 7.54
N SER A 236 -44.70 20.77 6.60
CA SER A 236 -43.92 20.79 5.36
C SER A 236 -42.40 20.90 5.63
N LEU A 237 -42.04 21.84 6.49
CA LEU A 237 -40.66 22.07 6.88
C LEU A 237 -40.06 20.88 7.63
N VAL A 238 -40.85 20.24 8.49
CA VAL A 238 -40.41 19.06 9.22
C VAL A 238 -40.13 17.89 8.27
N GLU A 239 -40.94 17.75 7.22
CA GLU A 239 -40.68 16.74 6.20
C GLU A 239 -39.36 16.99 5.46
N ASP A 240 -39.07 18.25 5.13
CA ASP A 240 -37.80 18.61 4.52
C ASP A 240 -36.61 18.30 5.45
N VAL A 241 -36.74 18.63 6.72
CA VAL A 241 -35.66 18.41 7.70
C VAL A 241 -35.45 16.92 7.89
N SER A 242 -36.55 16.17 8.02
CA SER A 242 -36.47 14.71 8.14
C SER A 242 -35.72 14.05 6.98
N SER A 243 -36.01 14.47 5.75
CA SER A 243 -35.30 13.96 4.58
CA SER A 243 -35.31 13.95 4.58
C SER A 243 -33.83 14.37 4.57
N ASN A 244 -33.55 15.59 5.05
CA ASN A 244 -32.19 16.06 5.23
C ASN A 244 -31.42 15.06 6.13
N TYR A 245 -32.02 14.70 7.27
CA TYR A 245 -31.41 13.74 8.20
C TYR A 245 -31.21 12.33 7.64
N ASP A 246 -32.12 11.80 6.84
CA ASP A 246 -31.92 10.47 6.21
C ASP A 246 -30.66 10.44 5.35
N GLY A 247 -30.43 11.52 4.61
CA GLY A 247 -29.24 11.65 3.76
C GLY A 247 -27.97 11.92 4.56
N CYS A 248 -28.02 12.93 5.42
CA CYS A 248 -26.86 13.32 6.24
C CYS A 248 -26.39 12.22 7.20
N CYS A 249 -27.32 11.50 7.84
CA CYS A 249 -26.97 10.42 8.77
C CYS A 249 -26.29 9.24 8.09
N GLU A 250 -26.65 8.96 6.86
CA GLU A 250 -25.99 7.91 6.06
C GLU A 250 -24.53 8.26 5.70
N GLY A 251 -24.21 9.55 5.68
CA GLY A 251 -22.89 10.04 5.30
C GLY A 251 -22.80 10.45 3.84
N ASP A 252 -23.95 10.64 3.18
CA ASP A 252 -24.03 11.09 1.79
C ASP A 252 -23.87 12.61 1.73
N VAL A 253 -22.62 13.06 1.60
CA VAL A 253 -22.25 14.48 1.70
C VAL A 253 -22.93 15.40 0.67
N VAL A 254 -22.96 14.97 -0.58
CA VAL A 254 -23.56 15.77 -1.65
C VAL A 254 -25.04 15.96 -1.41
N GLN A 255 -25.73 14.86 -1.10
CA GLN A 255 -27.15 14.88 -0.84
C GLN A 255 -27.48 15.69 0.41
N CYS A 256 -26.57 15.65 1.39
CA CYS A 256 -26.71 16.41 2.61
C CYS A 256 -26.63 17.92 2.35
N ILE A 257 -25.69 18.34 1.50
CA ILE A 257 -25.59 19.74 1.04
C ILE A 257 -26.86 20.18 0.28
N ARG A 258 -27.34 19.35 -0.64
CA ARG A 258 -28.56 19.68 -1.41
C ARG A 258 -29.78 19.79 -0.52
N ASP A 259 -30.00 18.76 0.30
CA ASP A 259 -31.16 18.73 1.18
C ASP A 259 -31.13 19.81 2.27
N THR A 260 -29.95 20.20 2.73
CA THR A 260 -29.79 21.32 3.68
C THR A 260 -30.14 22.67 3.03
N SER A 261 -29.60 22.94 1.85
CA SER A 261 -29.96 24.12 1.05
C SER A 261 -31.45 24.25 0.83
N LYS A 262 -32.08 23.13 0.48
CA LYS A 262 -33.53 23.09 0.25
C LYS A 262 -34.32 23.46 1.53
N VAL A 263 -33.86 23.01 2.69
CA VAL A 263 -34.47 23.42 3.95
C VAL A 263 -34.36 24.92 4.12
N MET A 264 -33.17 25.46 3.86
CA MET A 264 -32.92 26.88 4.12
C MET A 264 -33.58 27.79 3.09
N ASN A 265 -33.55 27.39 1.81
CA ASN A 265 -34.35 28.06 0.75
C ASN A 265 -35.78 28.20 1.20
N HIS A 266 -36.35 27.10 1.67
CA HIS A 266 -37.77 27.04 2.08
C HIS A 266 -38.05 28.02 3.24
N ILE A 267 -37.21 27.97 4.28
CA ILE A 267 -37.36 28.91 5.41
C ILE A 267 -37.21 30.38 4.98
N CYS A 268 -36.20 30.69 4.16
CA CYS A 268 -35.94 32.07 3.75
C CYS A 268 -36.99 32.64 2.77
N SER A 269 -37.64 31.78 2.00
CA SER A 269 -38.71 32.21 1.09
C SER A 269 -40.03 32.53 1.81
N LYS A 270 -40.25 31.95 3.00
CA LYS A 270 -41.46 32.20 3.81
C LYS A 270 -41.09 32.89 5.13
N GLN A 271 -40.11 33.78 5.04
CA GLN A 271 -39.40 34.34 6.18
C GLN A 271 -40.29 35.10 7.16
N ASP A 272 -41.11 35.99 6.62
CA ASP A 272 -42.01 36.83 7.42
C ASP A 272 -43.15 36.05 8.10
N SER A 273 -43.43 34.83 7.61
CA SER A 273 -44.41 33.94 8.24
C SER A 273 -43.79 32.85 9.14
N ILE A 274 -42.48 32.93 9.38
CA ILE A 274 -41.74 31.90 10.15
C ILE A 274 -40.95 32.52 11.32
N SER A 275 -40.13 33.52 11.03
CA SER A 275 -39.25 34.10 12.04
C SER A 275 -38.78 35.48 11.63
N SER A 276 -38.94 36.45 12.53
CA SER A 276 -38.39 37.79 12.36
C SER A 276 -36.92 37.91 12.84
N LYS A 277 -36.34 36.80 13.33
CA LYS A 277 -34.94 36.77 13.80
C LYS A 277 -33.89 36.31 12.78
N ILE A 278 -34.30 36.01 11.54
CA ILE A 278 -33.38 35.38 10.56
C ILE A 278 -33.06 36.24 9.33
N LYS A 279 -33.35 37.54 9.41
CA LYS A 279 -33.17 38.48 8.28
C LYS A 279 -31.73 38.47 7.74
N GLU A 280 -30.77 38.66 8.65
CA GLU A 280 -29.36 38.75 8.29
C GLU A 280 -28.84 37.39 7.76
N CYS A 281 -29.27 36.29 8.40
CA CYS A 281 -28.95 34.92 7.96
C CYS A 281 -29.36 34.66 6.52
N CYS A 282 -30.60 35.00 6.19
CA CYS A 282 -31.15 34.74 4.86
C CYS A 282 -30.48 35.51 3.71
N GLU A 283 -29.77 36.60 4.07
CA GLU A 283 -28.95 37.34 3.09
C GLU A 283 -27.57 36.74 2.85
N LYS A 284 -27.16 35.76 3.66
CA LYS A 284 -25.86 35.09 3.48
C LYS A 284 -25.94 33.99 2.43
N LYS A 285 -24.77 33.47 2.04
CA LYS A 285 -24.66 32.42 1.04
C LYS A 285 -24.60 31.02 1.67
N ILE A 286 -24.68 30.03 0.80
CA ILE A 286 -24.47 28.63 1.16
C ILE A 286 -22.96 28.45 1.50
N PRO A 287 -22.59 27.82 2.62
CA PRO A 287 -23.49 27.18 3.58
C PRO A 287 -23.60 27.93 4.91
N GLU A 288 -23.07 29.16 4.99
CA GLU A 288 -23.14 29.95 6.21
C GLU A 288 -24.58 30.32 6.56
N ARG A 289 -25.41 30.58 5.55
CA ARG A 289 -26.84 30.86 5.75
C ARG A 289 -27.48 29.85 6.68
N GLY A 290 -27.38 28.57 6.32
CA GLY A 290 -27.98 27.51 7.11
C GLY A 290 -27.50 27.41 8.54
N GLN A 291 -26.20 27.66 8.75
CA GLN A 291 -25.64 27.55 10.09
C GLN A 291 -26.12 28.72 10.96
N CYS A 292 -26.19 29.92 10.38
CA CYS A 292 -26.78 31.09 11.03
C CYS A 292 -28.22 30.85 11.47
N ILE A 293 -29.02 30.26 10.59
CA ILE A 293 -30.43 29.99 10.89
C ILE A 293 -30.56 29.02 12.07
N ILE A 294 -29.80 27.93 12.01
CA ILE A 294 -29.75 26.94 13.10
C ILE A 294 -29.33 27.61 14.43
N ASN A 295 -28.35 28.49 14.39
CA ASN A 295 -27.85 29.21 15.58
C ASN A 295 -28.75 30.32 16.08
N SER A 296 -29.72 30.78 15.28
CA SER A 296 -30.51 31.97 15.62
C SER A 296 -31.32 31.77 16.89
N ASN A 297 -31.66 32.89 17.53
CA ASN A 297 -32.46 32.86 18.74
C ASN A 297 -33.90 32.45 18.41
N LYS A 298 -34.56 31.81 19.38
CA LYS A 298 -36.00 31.57 19.32
C LYS A 298 -36.69 32.90 19.03
N ASP A 299 -37.65 32.88 18.11
CA ASP A 299 -38.45 34.08 17.81
C ASP A 299 -39.42 34.30 18.98
N ASP A 300 -39.85 35.54 19.15
CA ASP A 300 -40.73 35.88 20.27
C ASP A 300 -42.11 35.30 20.00
N ARG A 301 -42.85 35.04 21.07
CA ARG A 301 -44.21 34.52 20.93
C ARG A 301 -45.13 35.60 20.40
N PRO A 302 -46.02 35.26 19.45
CA PRO A 302 -47.04 36.21 18.99
C PRO A 302 -47.80 36.83 20.15
N LYS A 303 -48.13 38.12 20.03
CA LYS A 303 -48.92 38.86 21.05
C LYS A 303 -50.24 38.14 21.36
N ASP A 304 -50.93 37.75 20.30
CA ASP A 304 -52.28 37.15 20.39
C ASP A 304 -52.32 35.67 20.81
N LEU A 305 -51.17 34.99 20.86
CA LEU A 305 -51.10 33.57 21.22
C LEU A 305 -51.55 33.33 22.66
N SER A 306 -52.60 32.52 22.84
CA SER A 306 -53.15 32.23 24.16
C SER A 306 -52.19 31.45 25.02
N LEU A 307 -52.44 31.45 26.32
CA LEU A 307 -51.59 30.72 27.27
C LEU A 307 -51.71 29.19 27.14
N ARG A 308 -52.85 28.72 26.63
CA ARG A 308 -53.10 27.28 26.43
C ARG A 308 -54.09 27.04 25.31
N GLU A 309 -53.95 25.90 24.62
CA GLU A 309 -54.89 25.49 23.60
C GLU A 309 -55.84 24.45 24.19
N GLY A 310 -57.07 24.90 24.47
CA GLY A 310 -58.02 24.13 25.27
C GLY A 310 -58.67 22.93 24.61
N LYS A 311 -58.68 22.87 23.27
CA LYS A 311 -59.31 21.75 22.55
C LYS A 311 -58.73 20.36 22.84
N PHE A 312 -57.47 20.27 23.28
CA PHE A 312 -56.88 18.96 23.63
C PHE A 312 -57.40 18.35 24.93
N THR A 313 -57.99 19.18 25.81
CA THR A 313 -58.59 18.72 27.07
C THR A 313 -60.08 19.09 27.31
N ASP A 314 -60.54 20.24 26.79
CA ASP A 314 -61.86 20.78 27.10
C ASP A 314 -62.97 20.24 26.21
N SER A 315 -62.66 20.09 24.93
CA SER A 315 -63.58 19.50 23.97
C SER A 315 -63.98 18.08 24.39
N GLU A 316 -65.20 17.71 24.02
CA GLU A 316 -65.70 16.35 24.26
C GLU A 316 -65.43 15.40 23.09
N ASN A 317 -64.82 15.89 22.02
CA ASN A 317 -64.57 15.09 20.82
C ASN A 317 -63.10 14.74 20.59
N VAL A 318 -62.29 14.77 21.64
CA VAL A 318 -60.84 14.56 21.49
C VAL A 318 -60.56 13.18 20.91
N CYS A 319 -61.23 12.15 21.43
CA CYS A 319 -60.96 10.78 21.01
C CYS A 319 -61.24 10.56 19.52
N GLN A 320 -62.32 11.14 18.99
CA GLN A 320 -62.63 11.01 17.56
C GLN A 320 -61.67 11.83 16.70
N GLU A 321 -61.19 12.96 17.21
CA GLU A 321 -60.18 13.76 16.49
C GLU A 321 -58.85 13.01 16.41
N ARG A 322 -58.48 12.35 17.51
CA ARG A 322 -57.36 11.42 17.52
C ARG A 322 -57.61 10.31 16.50
N ASP A 323 -58.78 9.65 16.57
CA ASP A 323 -59.05 8.50 15.71
C ASP A 323 -59.09 8.81 14.23
N ALA A 324 -59.43 10.05 13.87
CA ALA A 324 -59.50 10.47 12.47
C ALA A 324 -58.13 10.45 11.81
N ASP A 325 -57.09 10.86 12.53
CA ASP A 325 -55.70 10.80 12.04
C ASP A 325 -54.72 10.93 13.23
N PRO A 326 -54.38 9.80 13.90
CA PRO A 326 -53.58 9.80 15.15
C PRO A 326 -52.24 10.51 15.05
N ASP A 327 -51.41 10.18 14.04
CA ASP A 327 -50.11 10.85 13.87
C ASP A 327 -50.24 12.36 13.66
N THR A 328 -51.23 12.79 12.90
CA THR A 328 -51.43 14.24 12.66
C THR A 328 -52.01 14.91 13.93
N PHE A 329 -52.87 14.20 14.65
CA PHE A 329 -53.46 14.74 15.86
C PHE A 329 -52.34 15.00 16.92
N PHE A 330 -51.47 14.01 17.12
CA PHE A 330 -50.38 14.17 18.09
C PHE A 330 -49.31 15.16 17.63
N ALA A 331 -49.09 15.27 16.31
CA ALA A 331 -48.26 16.33 15.75
C ALA A 331 -48.81 17.73 16.05
N LYS A 332 -50.13 17.88 15.95
CA LYS A 332 -50.78 19.14 16.23
C LYS A 332 -50.64 19.48 17.73
N PHE A 333 -50.86 18.50 18.60
CA PHE A 333 -50.66 18.69 20.02
C PHE A 333 -49.26 19.20 20.34
N THR A 334 -48.25 18.55 19.75
CA THR A 334 -46.86 18.87 19.98
C THR A 334 -46.54 20.29 19.52
N PHE A 335 -47.11 20.65 18.37
CA PHE A 335 -46.99 21.98 17.81
C PHE A 335 -47.57 23.03 18.74
N GLU A 336 -48.80 22.80 19.18
CA GLU A 336 -49.52 23.77 19.98
C GLU A 336 -48.91 23.91 21.41
N TYR A 337 -48.52 22.80 22.00
CA TYR A 337 -47.87 22.82 23.32
C TYR A 337 -46.44 23.38 23.25
N SER A 338 -45.65 22.99 22.26
CA SER A 338 -44.24 23.42 22.19
C SER A 338 -44.06 24.91 21.89
N ARG A 339 -44.91 25.49 21.07
CA ARG A 339 -44.73 26.92 20.72
C ARG A 339 -45.13 27.84 21.88
N ARG A 340 -45.91 27.30 22.83
CA ARG A 340 -46.27 28.02 24.04
C ARG A 340 -45.33 27.78 25.21
N HIS A 341 -44.35 26.88 25.06
CA HIS A 341 -43.44 26.55 26.18
C HIS A 341 -41.99 26.63 25.74
N PRO A 342 -41.52 27.86 25.45
CA PRO A 342 -40.12 28.03 25.07
C PRO A 342 -39.08 27.71 26.16
N ASP A 343 -39.52 27.42 27.38
N ASP A 343 -39.51 27.41 27.37
CA ASP A 343 -38.63 27.12 28.50
CA ASP A 343 -38.64 27.12 28.51
C ASP A 343 -38.56 25.63 28.86
C ASP A 343 -38.56 25.63 28.85
N LEU A 344 -39.20 24.76 28.09
CA LEU A 344 -39.00 23.32 28.27
C LEU A 344 -37.90 22.81 27.34
N SER A 345 -37.20 21.77 27.83
CA SER A 345 -36.25 21.05 27.00
C SER A 345 -37.04 20.25 25.94
N ILE A 346 -36.36 19.82 24.90
CA ILE A 346 -36.97 18.98 23.86
C ILE A 346 -37.38 17.62 24.42
N PRO A 347 -36.53 16.98 25.26
CA PRO A 347 -36.96 15.73 25.91
C PRO A 347 -38.20 15.87 26.79
N GLU A 348 -38.31 16.96 27.53
CA GLU A 348 -39.49 17.21 28.38
C GLU A 348 -40.77 17.37 27.52
N LEU A 349 -40.68 18.10 26.43
CA LEU A 349 -41.82 18.18 25.47
C LEU A 349 -42.25 16.83 24.94
N LEU A 350 -41.27 15.98 24.61
CA LEU A 350 -41.56 14.64 24.08
C LEU A 350 -42.13 13.72 25.14
N ARG A 351 -41.67 13.87 26.39
CA ARG A 351 -42.27 13.13 27.51
C ARG A 351 -43.71 13.53 27.69
N ILE A 352 -44.00 14.81 27.56
CA ILE A 352 -45.37 15.34 27.67
C ILE A 352 -46.30 14.78 26.57
N VAL A 353 -45.79 14.71 25.34
CA VAL A 353 -46.51 14.10 24.19
C VAL A 353 -46.87 12.66 24.53
N GLN A 354 -45.89 11.89 25.01
CA GLN A 354 -46.10 10.49 25.34
C GLN A 354 -47.08 10.28 26.48
N ILE A 355 -47.00 11.13 27.52
CA ILE A 355 -47.96 11.13 28.63
C ILE A 355 -49.40 11.42 28.10
N TYR A 356 -49.52 12.37 27.18
CA TYR A 356 -50.83 12.71 26.62
C TYR A 356 -51.36 11.54 25.78
N LYS A 357 -50.49 10.97 24.97
CA LYS A 357 -50.81 9.81 24.17
C LYS A 357 -51.30 8.63 25.01
N ASP A 358 -50.55 8.29 26.06
CA ASP A 358 -50.90 7.18 26.97
C ASP A 358 -52.16 7.46 27.76
N LEU A 359 -52.35 8.70 28.21
CA LEU A 359 -53.60 9.08 28.89
C LEU A 359 -54.83 8.86 28.00
N LEU A 360 -54.75 9.25 26.73
CA LEU A 360 -55.85 9.01 25.79
C LEU A 360 -56.03 7.53 25.42
N ARG A 361 -54.95 6.75 25.43
CA ARG A 361 -55.06 5.32 25.19
C ARG A 361 -55.91 4.62 26.26
N ASN A 362 -55.77 5.04 27.51
CA ASN A 362 -56.61 4.52 28.60
C ASN A 362 -58.03 5.13 28.54
N CYS A 363 -58.08 6.47 28.53
CA CYS A 363 -59.33 7.23 28.58
C CYS A 363 -60.35 6.92 27.49
N CYS A 364 -59.91 6.84 26.24
CA CYS A 364 -60.82 6.70 25.11
C CYS A 364 -61.55 5.34 24.98
N ASN A 365 -61.19 4.34 25.81
CA ASN A 365 -61.96 3.10 25.90
C ASN A 365 -62.86 2.98 27.14
N THR A 366 -62.89 4.02 27.98
CA THR A 366 -63.79 4.06 29.15
C THR A 366 -65.21 4.52 28.78
N GLU A 367 -66.12 4.50 29.76
CA GLU A 367 -67.52 4.94 29.54
C GLU A 367 -67.67 6.46 29.39
N ASN A 368 -66.77 7.22 30.03
CA ASN A 368 -66.79 8.69 29.98
C ASN A 368 -65.38 9.23 29.66
N PRO A 369 -64.95 9.13 28.39
CA PRO A 369 -63.60 9.62 28.11
C PRO A 369 -63.37 11.10 28.45
N PRO A 370 -64.31 11.99 28.10
CA PRO A 370 -64.10 13.40 28.48
C PRO A 370 -63.78 13.66 29.96
N GLY A 371 -64.32 12.82 30.84
CA GLY A 371 -64.02 12.86 32.27
C GLY A 371 -62.54 12.77 32.66
N CYS A 372 -61.86 11.70 32.30
CA CYS A 372 -60.46 11.54 32.74
C CYS A 372 -59.44 12.37 31.97
N TYR A 373 -59.67 12.70 30.70
CA TYR A 373 -58.68 13.52 29.97
C TYR A 373 -58.79 15.01 30.25
N ARG A 374 -59.89 15.43 30.91
CA ARG A 374 -60.11 16.84 31.22
C ARG A 374 -58.96 17.50 31.99
N TYR A 375 -58.30 16.74 32.87
CA TYR A 375 -57.23 17.27 33.73
C TYR A 375 -55.83 16.82 33.32
N ALA A 376 -55.64 16.57 32.02
CA ALA A 376 -54.33 16.17 31.51
C ALA A 376 -53.23 17.18 31.82
N GLU A 377 -53.56 18.47 31.81
CA GLU A 377 -52.59 19.51 32.15
C GLU A 377 -51.98 19.38 33.56
N ASP A 378 -52.70 18.75 34.50
CA ASP A 378 -52.13 18.48 35.82
C ASP A 378 -51.03 17.44 35.77
N LYS A 379 -51.21 16.38 34.98
CA LYS A 379 -50.13 15.43 34.72
C LYS A 379 -48.94 16.12 34.06
N PHE A 380 -49.19 17.05 33.13
CA PHE A 380 -48.10 17.75 32.44
C PHE A 380 -47.34 18.61 33.44
N ASN A 381 -48.07 19.43 34.20
CA ASN A 381 -47.47 20.30 35.22
C ASN A 381 -46.72 19.52 36.29
N GLU A 382 -47.30 18.38 36.70
CA GLU A 382 -46.65 17.47 37.63
C GLU A 382 -45.27 17.01 37.18
N THR A 383 -45.14 16.54 35.93
CA THR A 383 -43.84 16.01 35.47
C THR A 383 -42.84 17.15 35.25
N THR A 384 -43.30 18.27 34.72
CA THR A 384 -42.46 19.44 34.52
C THR A 384 -41.88 19.96 35.86
N GLU A 385 -42.73 20.03 36.90
CA GLU A 385 -42.29 20.44 38.24
C GLU A 385 -41.28 19.50 38.85
N LYS A 386 -41.54 18.19 38.76
CA LYS A 386 -40.56 17.18 39.19
C LYS A 386 -39.21 17.34 38.49
N SER A 387 -39.22 17.62 37.19
CA SER A 387 -37.97 17.74 36.42
C SER A 387 -37.23 19.02 36.76
N LEU A 388 -37.97 20.12 36.90
CA LEU A 388 -37.36 21.39 37.30
C LEU A 388 -36.67 21.30 38.69
N LYS A 389 -37.34 20.66 39.64
CA LYS A 389 -36.78 20.49 40.98
C LYS A 389 -35.42 19.78 40.90
N MET A 390 -35.43 18.64 40.22
CA MET A 390 -34.23 17.86 39.95
C MET A 390 -33.04 18.69 39.42
N VAL A 391 -33.31 19.54 38.42
CA VAL A 391 -32.25 20.40 37.84
C VAL A 391 -31.79 21.46 38.85
N GLN A 392 -32.73 22.01 39.61
CA GLN A 392 -32.39 22.98 40.66
C GLN A 392 -31.44 22.36 41.68
N GLN A 393 -31.75 21.15 42.13
CA GLN A 393 -30.90 20.41 43.06
C GLN A 393 -29.51 20.14 42.50
N GLU A 394 -29.45 19.71 41.22
CA GLU A 394 -28.19 19.45 40.55
C GLU A 394 -27.34 20.74 40.44
N CYS A 395 -27.94 21.87 40.04
CA CYS A 395 -27.20 23.16 39.96
C CYS A 395 -26.73 23.69 41.34
N LYS A 396 -27.47 23.36 42.41
CA LYS A 396 -27.06 23.72 43.75
C LYS A 396 -25.79 22.91 44.16
N HIS A 397 -25.80 21.60 43.93
CA HIS A 397 -24.55 20.79 44.07
C HIS A 397 -23.36 21.34 43.29
N PHE A 398 -23.58 21.78 42.05
CA PHE A 398 -22.53 22.43 41.26
C PHE A 398 -22.00 23.70 41.95
N GLN A 399 -22.92 24.52 42.48
CA GLN A 399 -22.54 25.75 43.18
C GLN A 399 -21.75 25.42 44.46
N ASN A 400 -22.25 24.47 45.24
CA ASN A 400 -21.57 24.04 46.47
C ASN A 400 -20.16 23.48 46.16
N LEU A 401 -20.07 22.54 45.20
CA LEU A 401 -18.86 21.71 44.98
C LEU A 401 -17.83 22.22 43.96
N GLY A 402 -18.25 23.04 43.01
CA GLY A 402 -17.41 23.44 41.89
C GLY A 402 -17.35 22.37 40.82
N LYS A 403 -16.66 22.67 39.72
CA LYS A 403 -16.63 21.83 38.53
C LYS A 403 -16.01 20.45 38.80
N ASP A 404 -14.82 20.46 39.38
CA ASP A 404 -14.09 19.22 39.68
C ASP A 404 -14.82 18.36 40.69
N GLY A 405 -15.29 18.98 41.76
CA GLY A 405 -16.05 18.30 42.80
C GLY A 405 -17.27 17.58 42.27
N LEU A 406 -18.00 18.24 41.37
CA LEU A 406 -19.17 17.62 40.77
C LEU A 406 -18.79 16.58 39.70
N LYS A 407 -17.69 16.82 38.99
CA LYS A 407 -17.18 15.81 38.08
C LYS A 407 -16.88 14.50 38.78
N TYR A 408 -16.26 14.54 39.96
CA TYR A 408 -15.94 13.30 40.68
C TYR A 408 -17.18 12.50 41.09
N HIS A 409 -18.23 13.21 41.55
CA HIS A 409 -19.51 12.57 41.84
CA HIS A 409 -19.53 12.57 41.84
C HIS A 409 -20.12 11.85 40.61
N TYR A 410 -20.09 12.51 39.44
CA TYR A 410 -20.60 11.88 38.21
C TYR A 410 -19.73 10.71 37.69
N LEU A 411 -18.40 10.83 37.84
CA LEU A 411 -17.50 9.73 37.49
C LEU A 411 -17.80 8.50 38.32
N ILE A 412 -18.06 8.67 39.61
CA ILE A 412 -18.42 7.55 40.47
C ILE A 412 -19.71 6.90 40.03
N ARG A 413 -20.75 7.70 39.83
CA ARG A 413 -22.07 7.17 39.42
C ARG A 413 -22.04 6.48 38.08
N LEU A 414 -21.44 7.14 37.10
CA LEU A 414 -21.33 6.59 35.75
C LEU A 414 -20.57 5.30 35.71
N THR A 415 -19.46 5.24 36.43
CA THR A 415 -18.64 4.04 36.48
C THR A 415 -19.40 2.91 37.19
N LYS A 416 -20.20 3.26 38.20
CA LYS A 416 -21.03 2.25 38.91
C LYS A 416 -22.08 1.60 38.00
N ILE A 417 -22.72 2.40 37.14
CA ILE A 417 -23.80 1.87 36.28
C ILE A 417 -23.31 1.27 34.96
N ALA A 418 -22.14 1.72 34.48
CA ALA A 418 -21.62 1.31 33.17
C ALA A 418 -20.14 0.95 33.27
N PRO A 419 -19.80 0.04 34.21
CA PRO A 419 -18.38 -0.24 34.44
C PRO A 419 -17.68 -0.97 33.27
N GLN A 420 -18.44 -1.52 32.34
CA GLN A 420 -17.86 -2.21 31.18
C GLN A 420 -17.26 -1.23 30.18
N LEU A 421 -17.65 0.04 30.23
CA LEU A 421 -17.02 1.02 29.36
C LEU A 421 -15.54 1.21 29.67
N SER A 422 -14.78 1.62 28.67
CA SER A 422 -13.36 1.90 28.86
C SER A 422 -13.25 3.11 29.79
N THR A 423 -12.13 3.19 30.50
CA THR A 423 -11.89 4.28 31.38
C THR A 423 -11.81 5.63 30.63
N GLU A 424 -11.17 5.64 29.47
CA GLU A 424 -11.15 6.82 28.59
C GLU A 424 -12.55 7.33 28.24
N GLU A 425 -13.46 6.41 27.92
CA GLU A 425 -14.81 6.82 27.57
C GLU A 425 -15.56 7.32 28.80
N LEU A 426 -15.43 6.65 29.92
CA LEU A 426 -16.05 7.11 31.17
C LEU A 426 -15.61 8.52 31.55
N VAL A 427 -14.33 8.79 31.42
CA VAL A 427 -13.80 10.13 31.71
C VAL A 427 -14.36 11.16 30.74
N SER A 428 -14.48 10.81 29.47
CA SER A 428 -15.05 11.73 28.49
C SER A 428 -16.53 12.03 28.79
N LEU A 429 -17.28 10.98 29.12
CA LEU A 429 -18.68 11.12 29.43
C LEU A 429 -18.93 11.97 30.66
N GLY A 430 -18.08 11.78 31.67
CA GLY A 430 -18.14 12.59 32.87
C GLY A 430 -17.81 14.05 32.65
N GLU A 431 -16.76 14.31 31.89
CA GLU A 431 -16.44 15.66 31.47
C GLU A 431 -17.62 16.32 30.70
N LYS A 432 -18.27 15.57 29.82
CA LYS A 432 -19.39 16.14 29.05
C LYS A 432 -20.58 16.42 29.97
N MET A 433 -20.84 15.54 30.92
CA MET A 433 -21.92 15.71 31.87
C MET A 433 -21.79 16.98 32.73
N VAL A 434 -20.59 17.25 33.22
CA VAL A 434 -20.37 18.47 34.06
C VAL A 434 -20.36 19.77 33.26
N THR A 435 -19.96 19.70 32.00
CA THR A 435 -20.03 20.86 31.09
C THR A 435 -21.47 21.33 30.80
N ALA A 436 -22.44 20.40 30.85
CA ALA A 436 -23.84 20.78 30.83
C ALA A 436 -24.11 21.78 31.95
N PHE A 437 -23.63 21.50 33.17
CA PHE A 437 -23.87 22.39 34.33
C PHE A 437 -23.03 23.67 34.31
N THR A 438 -21.77 23.56 33.89
CA THR A 438 -20.92 24.75 33.74
C THR A 438 -21.48 25.72 32.72
N THR A 439 -22.02 25.22 31.62
CA THR A 439 -22.64 26.06 30.60
C THR A 439 -24.00 26.63 31.05
N CYS A 440 -24.83 25.83 31.70
CA CYS A 440 -26.26 26.14 31.87
C CYS A 440 -26.71 26.78 33.18
N CYS A 441 -26.04 26.45 34.30
CA CYS A 441 -26.59 26.75 35.65
C CYS A 441 -26.79 28.22 35.97
N THR A 442 -25.93 29.11 35.48
CA THR A 442 -26.12 30.56 35.73
C THR A 442 -27.16 31.20 34.79
N LEU A 443 -27.38 30.61 33.61
CA LEU A 443 -28.19 31.23 32.55
C LEU A 443 -29.66 31.30 32.89
N SER A 444 -30.36 32.24 32.24
CA SER A 444 -31.81 32.28 32.25
C SER A 444 -32.28 31.08 31.43
N GLU A 445 -33.28 30.40 31.96
N GLU A 445 -33.30 30.39 31.95
CA GLU A 445 -33.70 29.10 31.46
CA GLU A 445 -33.72 29.08 31.44
C GLU A 445 -32.61 28.03 31.54
C GLU A 445 -32.61 28.02 31.55
N GLU A 446 -32.16 27.79 32.77
CA GLU A 446 -31.21 26.74 33.06
C GLU A 446 -31.83 25.36 32.82
N PHE A 447 -33.14 25.22 33.07
CA PHE A 447 -33.80 23.91 32.99
C PHE A 447 -33.71 23.30 31.59
N ALA A 448 -34.10 24.08 30.59
CA ALA A 448 -34.05 23.67 29.18
C ALA A 448 -32.62 23.32 28.76
N CYS A 449 -31.71 24.24 29.01
CA CYS A 449 -30.30 24.09 28.67
C CYS A 449 -29.70 22.82 29.31
N VAL A 450 -29.90 22.64 30.62
CA VAL A 450 -29.31 21.48 31.32
C VAL A 450 -29.89 20.19 30.73
N ASP A 451 -31.20 20.12 30.68
CA ASP A 451 -31.86 18.89 30.23
C ASP A 451 -31.56 18.54 28.76
N ASN A 452 -31.50 19.53 27.87
CA ASN A 452 -31.09 19.34 26.47
C ASN A 452 -29.64 18.80 26.39
N LEU A 453 -28.69 19.44 27.07
CA LEU A 453 -27.28 19.05 27.00
C LEU A 453 -27.02 17.72 27.68
N ALA A 454 -27.66 17.48 28.81
CA ALA A 454 -27.46 16.23 29.54
C ALA A 454 -28.03 15.03 28.77
N ASP A 455 -29.15 15.20 28.07
CA ASP A 455 -29.67 14.16 27.17
C ASP A 455 -28.66 13.70 26.08
N LEU A 456 -27.91 14.65 25.51
CA LEU A 456 -26.86 14.34 24.53
C LEU A 456 -25.77 13.39 25.08
N VAL A 457 -25.45 13.52 26.36
CA VAL A 457 -24.43 12.68 27.00
C VAL A 457 -24.84 11.22 26.98
N PHE A 458 -26.07 10.94 27.37
CA PHE A 458 -26.56 9.55 27.34
C PHE A 458 -26.80 9.04 25.94
N GLY A 459 -27.14 9.93 25.02
CA GLY A 459 -27.09 9.61 23.59
C GLY A 459 -25.75 9.06 23.13
N GLU A 460 -24.65 9.70 23.56
CA GLU A 460 -23.27 9.27 23.21
C GLU A 460 -22.98 7.88 23.76
N LEU A 461 -23.39 7.67 25.00
CA LEU A 461 -23.30 6.38 25.65
C LEU A 461 -23.89 5.26 24.78
N CYS A 462 -25.07 5.48 24.19
CA CYS A 462 -25.85 4.43 23.50
C CYS A 462 -25.46 4.10 22.05
N GLY A 463 -24.64 4.94 21.44
CA GLY A 463 -24.12 4.67 20.11
C GLY A 463 -24.83 5.40 18.99
N VAL A 464 -24.07 5.73 17.95
CA VAL A 464 -24.56 6.47 16.80
C VAL A 464 -24.98 5.51 15.71
N ASN A 465 -24.01 4.70 15.26
CA ASN A 465 -24.19 3.77 14.14
C ASN A 465 -24.05 2.31 14.57
N GLU A 466 -24.32 2.04 15.84
CA GLU A 466 -24.26 0.70 16.38
C GLU A 466 -25.16 0.63 17.60
N ASN A 467 -25.63 -0.58 17.86
CA ASN A 467 -26.33 -0.92 19.08
C ASN A 467 -25.28 -1.57 19.98
N ARG A 468 -24.95 -0.89 21.08
CA ARG A 468 -23.84 -1.25 21.92
C ARG A 468 -24.33 -2.20 22.96
N THR A 469 -23.43 -3.02 23.47
CA THR A 469 -23.72 -3.99 24.52
C THR A 469 -22.83 -3.65 25.71
N ILE A 470 -23.40 -2.95 26.69
CA ILE A 470 -22.64 -2.52 27.86
C ILE A 470 -23.00 -3.47 28.98
N ASN A 471 -24.22 -3.38 29.46
CA ASN A 471 -24.75 -4.38 30.39
C ASN A 471 -26.26 -4.37 30.18
N PRO A 472 -26.97 -5.41 30.65
CA PRO A 472 -28.40 -5.50 30.36
C PRO A 472 -29.26 -4.31 30.79
N ALA A 473 -28.99 -3.72 31.94
CA ALA A 473 -29.81 -2.59 32.44
C ALA A 473 -29.58 -1.32 31.62
N VAL A 474 -28.32 -1.02 31.31
CA VAL A 474 -28.01 0.11 30.42
C VAL A 474 -28.59 -0.10 29.01
N ASP A 475 -28.46 -1.31 28.45
CA ASP A 475 -28.94 -1.60 27.11
C ASP A 475 -30.46 -1.38 27.07
N HIS A 476 -31.16 -1.75 28.14
CA HIS A 476 -32.60 -1.53 28.22
C HIS A 476 -32.94 -0.03 28.19
N CYS A 477 -32.22 0.81 28.94
CA CYS A 477 -32.40 2.27 28.85
C CYS A 477 -32.08 2.88 27.46
N CYS A 478 -31.04 2.36 26.80
CA CYS A 478 -30.64 2.85 25.48
C CYS A 478 -31.71 2.61 24.42
N LYS A 479 -32.39 1.47 24.52
CA LYS A 479 -33.17 0.97 23.38
C LYS A 479 -34.70 1.08 23.53
N THR A 480 -35.19 1.27 24.75
CA THR A 480 -36.61 1.17 25.02
C THR A 480 -37.43 2.41 24.62
N ASN A 481 -36.94 3.60 24.94
CA ASN A 481 -37.76 4.81 24.88
C ASN A 481 -36.91 6.08 24.81
N PHE A 482 -37.03 6.80 23.70
CA PHE A 482 -36.17 7.91 23.45
C PHE A 482 -36.34 9.04 24.48
N ALA A 483 -37.58 9.48 24.67
CA ALA A 483 -37.86 10.63 25.52
C ALA A 483 -37.58 10.37 27.02
N PHE A 484 -37.78 9.14 27.48
CA PHE A 484 -37.55 8.76 28.89
C PHE A 484 -36.16 8.15 29.16
N ARG A 485 -35.25 8.28 28.21
CA ARG A 485 -33.91 7.72 28.32
C ARG A 485 -33.12 8.27 29.49
N ARG A 486 -32.99 9.58 29.58
CA ARG A 486 -32.29 10.21 30.70
C ARG A 486 -32.83 9.80 32.09
N PRO A 487 -34.14 9.94 32.35
CA PRO A 487 -34.61 9.47 33.66
C PRO A 487 -34.50 7.96 33.89
N CYS A 488 -34.52 7.14 32.84
CA CYS A 488 -34.26 5.70 32.97
C CYS A 488 -32.86 5.48 33.56
N PHE A 489 -31.86 6.17 32.98
CA PHE A 489 -30.46 6.07 33.38
C PHE A 489 -30.22 6.58 34.80
N GLU A 490 -30.88 7.68 35.14
CA GLU A 490 -30.77 8.29 36.46
C GLU A 490 -31.39 7.46 37.58
N SER A 491 -32.34 6.58 37.26
CA SER A 491 -32.85 5.59 38.19
C SER A 491 -32.05 4.28 38.30
N LEU A 492 -31.02 4.07 37.47
CA LEU A 492 -30.25 2.82 37.53
C LEU A 492 -29.41 2.78 38.81
N LYS A 493 -29.34 1.60 39.41
CA LYS A 493 -28.43 1.34 40.52
C LYS A 493 -27.16 0.76 39.95
N ALA A 494 -26.17 0.60 40.82
CA ALA A 494 -24.90 -0.02 40.46
C ALA A 494 -25.12 -1.33 39.69
N ASP A 495 -24.32 -1.55 38.64
CA ASP A 495 -24.38 -2.80 37.89
C ASP A 495 -23.86 -3.91 38.78
N LYS A 496 -24.78 -4.67 39.36
CA LYS A 496 -24.43 -5.89 40.12
C LYS A 496 -23.97 -7.10 39.28
N THR A 497 -24.05 -7.05 37.94
CA THR A 497 -23.50 -8.13 37.09
C THR A 497 -21.95 -8.02 36.88
N TYR A 498 -21.34 -6.91 37.32
CA TYR A 498 -19.96 -6.60 36.92
C TYR A 498 -18.88 -7.51 37.51
N VAL A 499 -18.13 -8.14 36.61
CA VAL A 499 -16.91 -8.87 36.96
C VAL A 499 -15.73 -8.07 36.41
N PRO A 500 -14.97 -7.41 37.29
CA PRO A 500 -13.86 -6.58 36.79
C PRO A 500 -12.66 -7.42 36.29
N PRO A 501 -11.90 -6.89 35.31
CA PRO A 501 -10.63 -7.54 35.00
C PRO A 501 -9.62 -7.22 36.09
N PRO A 502 -8.45 -7.89 36.09
CA PRO A 502 -7.34 -7.47 36.92
C PRO A 502 -6.91 -6.04 36.57
N PHE A 503 -6.43 -5.30 37.58
CA PHE A 503 -5.86 -3.98 37.35
C PHE A 503 -4.46 -4.02 37.89
N SER A 504 -3.51 -3.46 37.16
CA SER A 504 -2.14 -3.46 37.62
C SER A 504 -1.97 -2.34 38.64
N GLN A 505 -1.02 -2.55 39.55
CA GLN A 505 -0.67 -1.60 40.60
C GLN A 505 -0.23 -0.25 40.03
N ASP A 506 0.41 -0.27 38.85
CA ASP A 506 0.86 0.95 38.23
C ASP A 506 -0.27 1.93 37.85
N LEU A 507 -1.50 1.44 37.65
CA LEU A 507 -2.65 2.35 37.45
C LEU A 507 -2.89 3.29 38.64
N PHE A 508 -2.48 2.86 39.83
CA PHE A 508 -2.75 3.55 41.07
C PHE A 508 -1.53 4.17 41.76
N THR A 509 -0.39 4.14 41.09
CA THR A 509 0.84 4.69 41.64
C THR A 509 1.01 6.08 41.07
N PHE A 510 1.55 6.98 41.88
CA PHE A 510 1.76 8.36 41.50
C PHE A 510 3.24 8.52 41.15
N HIS A 511 3.51 9.27 40.09
CA HIS A 511 4.88 9.57 39.67
C HIS A 511 5.18 11.04 39.94
N ALA A 512 6.48 11.36 40.02
CA ALA A 512 6.94 12.72 40.30
C ALA A 512 6.38 13.77 39.33
N ASP A 513 6.16 13.38 38.07
CA ASP A 513 5.50 14.23 37.05
C ASP A 513 4.11 14.79 37.44
N MET A 514 3.44 14.13 38.36
CA MET A 514 2.16 14.57 38.92
C MET A 514 2.27 15.87 39.75
N CYS A 515 3.47 16.23 40.19
CA CYS A 515 3.72 17.44 40.99
C CYS A 515 4.26 18.60 40.15
N GLN A 516 3.37 19.19 39.35
CA GLN A 516 3.67 20.45 38.64
C GLN A 516 2.36 21.07 38.23
N SER A 517 2.39 22.34 37.84
CA SER A 517 1.22 23.03 37.31
C SER A 517 1.01 22.61 35.86
N GLN A 518 0.64 21.35 35.63
CA GLN A 518 0.47 20.83 34.25
C GLN A 518 -0.87 21.26 33.61
N ASN A 519 -1.03 20.89 32.34
CA ASN A 519 -2.23 21.16 31.57
C ASN A 519 -3.39 20.28 32.09
N GLU A 520 -4.54 20.32 31.43
CA GLU A 520 -5.67 19.46 31.75
C GLU A 520 -5.50 17.97 31.36
N GLU A 521 -4.29 17.57 30.98
CA GLU A 521 -3.91 16.16 30.91
C GLU A 521 -3.48 15.62 32.29
N LEU A 522 -3.28 16.53 33.25
CA LEU A 522 -3.11 16.16 34.65
C LEU A 522 -4.48 15.92 35.29
N GLN A 523 -5.46 16.72 34.88
CA GLN A 523 -6.87 16.51 35.26
C GLN A 523 -7.37 15.16 34.71
N ARG A 524 -7.01 14.83 33.46
CA ARG A 524 -7.41 13.55 32.86
C ARG A 524 -6.77 12.35 33.56
N LYS A 525 -5.54 12.51 34.06
CA LYS A 525 -4.86 11.47 34.86
C LYS A 525 -5.55 11.20 36.20
N THR A 526 -5.95 12.27 36.87
CA THR A 526 -6.74 12.19 38.11
C THR A 526 -8.09 11.52 37.86
N ASP A 527 -8.78 11.93 36.80
CA ASP A 527 -10.07 11.34 36.45
C ASP A 527 -9.95 9.86 36.15
N ARG A 528 -8.92 9.47 35.38
CA ARG A 528 -8.68 8.06 35.08
C ARG A 528 -8.41 7.24 36.34
N PHE A 529 -7.64 7.81 37.26
CA PHE A 529 -7.37 7.17 38.55
C PHE A 529 -8.67 6.88 39.28
N LEU A 530 -9.54 7.89 39.40
CA LEU A 530 -10.80 7.71 40.09
C LEU A 530 -11.67 6.65 39.43
N VAL A 531 -11.76 6.65 38.10
CA VAL A 531 -12.59 5.68 37.39
C VAL A 531 -12.06 4.28 37.61
N ASN A 532 -10.75 4.08 37.40
CA ASN A 532 -10.11 2.79 37.67
C ASN A 532 -10.30 2.34 39.12
N LEU A 533 -10.25 3.27 40.06
CA LEU A 533 -10.46 2.95 41.47
C LEU A 533 -11.87 2.46 41.72
N VAL A 534 -12.86 3.10 41.10
CA VAL A 534 -14.23 2.69 41.29
C VAL A 534 -14.44 1.32 40.67
N LYS A 535 -13.80 1.05 39.53
CA LYS A 535 -13.84 -0.30 38.94
C LYS A 535 -13.28 -1.35 39.86
N LEU A 536 -12.06 -1.11 40.35
CA LEU A 536 -11.41 -2.01 41.29
C LEU A 536 -12.26 -2.23 42.55
N LYS A 537 -12.76 -1.14 43.13
CA LYS A 537 -13.52 -1.20 44.39
C LYS A 537 -15.02 -1.02 44.19
N HIS A 538 -15.57 -1.68 43.16
N HIS A 538 -15.57 -1.68 43.16
CA HIS A 538 -16.96 -1.48 42.72
CA HIS A 538 -16.98 -1.46 42.72
C HIS A 538 -18.04 -1.79 43.78
C HIS A 538 -18.04 -1.80 43.77
N GLU A 539 -17.69 -2.67 44.72
CA GLU A 539 -18.60 -3.07 45.82
C GLU A 539 -18.76 -2.05 46.98
N LEU A 540 -17.81 -1.11 47.12
CA LEU A 540 -17.90 -0.02 48.08
C LEU A 540 -19.02 0.94 47.71
N THR A 541 -19.53 1.65 48.71
CA THR A 541 -20.56 2.66 48.49
C THR A 541 -19.90 3.87 47.83
N ASP A 542 -20.73 4.70 47.23
CA ASP A 542 -20.28 5.94 46.63
C ASP A 542 -19.57 6.84 47.65
N GLU A 543 -20.15 6.93 48.86
CA GLU A 543 -19.53 7.65 49.96
C GLU A 543 -18.11 7.10 50.31
N GLU A 544 -17.99 5.78 50.49
CA GLU A 544 -16.68 5.14 50.76
C GLU A 544 -15.66 5.39 49.64
N LEU A 545 -16.11 5.40 48.37
CA LEU A 545 -15.24 5.67 47.24
C LEU A 545 -14.80 7.13 47.21
N GLN A 546 -15.71 8.03 47.48
CA GLN A 546 -15.41 9.46 47.59
C GLN A 546 -14.44 9.73 48.76
N SER A 547 -14.62 9.03 49.87
CA SER A 547 -13.73 9.18 51.05
C SER A 547 -12.31 8.68 50.70
N LEU A 548 -12.23 7.48 50.10
CA LEU A 548 -10.96 6.90 49.69
C LEU A 548 -10.27 7.80 48.68
N PHE A 549 -11.04 8.38 47.76
CA PHE A 549 -10.47 9.27 46.76
C PHE A 549 -9.91 10.55 47.38
N THR A 550 -10.66 11.17 48.29
CA THR A 550 -10.17 12.34 49.02
C THR A 550 -8.92 12.06 49.85
N ASN A 551 -8.78 10.82 50.34
CA ASN A 551 -7.58 10.39 51.06
C ASN A 551 -6.38 10.46 50.11
N PHE A 552 -6.49 9.82 48.92
CA PHE A 552 -5.46 9.90 47.89
C PHE A 552 -5.12 11.33 47.49
N ALA A 553 -6.12 12.19 47.30
CA ALA A 553 -5.90 13.60 46.91
C ALA A 553 -5.07 14.38 47.96
N ASN A 554 -5.46 14.21 49.23
CA ASN A 554 -4.74 14.80 50.38
C ASN A 554 -3.27 14.36 50.39
N VAL A 555 -3.03 13.06 50.18
CA VAL A 555 -1.67 12.55 50.11
C VAL A 555 -0.88 13.16 48.92
N VAL A 556 -1.51 13.34 47.75
CA VAL A 556 -0.85 14.01 46.62
C VAL A 556 -0.59 15.50 46.91
N ASP A 557 -1.54 16.19 47.54
CA ASP A 557 -1.31 17.58 47.95
C ASP A 557 -0.08 17.74 48.87
N LYS A 558 0.04 16.85 49.86
CA LYS A 558 1.15 16.92 50.81
C LYS A 558 2.48 16.45 50.21
N CYS A 559 2.48 15.27 49.58
CA CYS A 559 3.71 14.72 48.97
C CYS A 559 4.29 15.59 47.84
N CYS A 560 3.46 16.37 47.14
CA CYS A 560 3.95 17.31 46.13
C CYS A 560 4.65 18.57 46.67
N LYS A 561 4.50 18.84 47.98
CA LYS A 561 5.28 19.88 48.65
C LYS A 561 6.60 19.35 49.23
N ALA A 562 6.78 18.04 49.24
CA ALA A 562 7.93 17.41 49.88
C ALA A 562 9.09 17.29 48.92
N GLU A 563 10.30 17.19 49.50
CA GLU A 563 11.47 16.72 48.78
C GLU A 563 11.34 15.22 48.55
N SER A 564 11.60 14.79 47.32
CA SER A 564 11.44 13.38 46.90
C SER A 564 10.00 12.87 47.06
N PRO A 565 9.03 13.40 46.26
CA PRO A 565 7.63 12.93 46.36
C PRO A 565 7.44 11.40 46.16
N GLU A 566 8.32 10.79 45.37
CA GLU A 566 8.33 9.34 45.16
C GLU A 566 8.19 8.53 46.44
N VAL A 567 9.14 8.71 47.35
CA VAL A 567 9.16 7.93 48.60
C VAL A 567 7.97 8.31 49.48
N CYS A 568 7.62 9.59 49.53
CA CYS A 568 6.48 10.06 50.29
C CYS A 568 5.20 9.31 49.90
N PHE A 569 4.93 9.20 48.60
CA PHE A 569 3.72 8.52 48.11
C PHE A 569 3.65 7.05 48.51
N ASN A 570 4.74 6.32 48.39
CA ASN A 570 4.73 4.89 48.72
C ASN A 570 4.64 4.62 50.24
N GLU A 571 5.05 5.58 51.07
CA GLU A 571 4.94 5.46 52.52
C GLU A 571 3.78 6.25 53.18
N GLU A 572 2.95 6.97 52.40
CA GLU A 572 1.73 7.63 52.92
C GLU A 572 0.42 7.27 52.21
N SER A 573 0.49 6.69 51.01
CA SER A 573 -0.70 6.35 50.25
C SER A 573 -1.57 5.34 50.96
N PRO A 574 -2.90 5.52 50.89
CA PRO A 574 -3.79 4.46 51.32
C PRO A 574 -3.48 3.14 50.61
N LYS A 575 -3.62 2.03 51.34
CA LYS A 575 -3.56 0.71 50.72
C LYS A 575 -4.82 0.52 49.92
N ILE A 576 -4.68 -0.07 48.75
CA ILE A 576 -5.83 -0.43 47.89
C ILE A 576 -5.93 -1.94 47.79
N GLY A 577 -4.82 -2.65 47.71
CA GLY A 577 -4.81 -4.11 47.78
C GLY A 577 -5.12 -4.66 49.16
N ASN A 578 -4.65 -5.87 49.44
CA ASN A 578 -4.94 -6.54 50.71
C ASN A 578 -3.92 -7.64 51.06
N LYS A 579 -2.64 -7.29 50.96
CA LYS A 579 -1.48 -8.16 51.26
C LYS A 579 -1.39 -9.41 50.36
N GLY A 580 -0.15 -9.81 50.06
CA GLY A 580 0.11 -10.99 49.19
C GLY A 580 -0.47 -10.87 47.79
N GLU A 581 -0.54 -9.64 47.30
CA GLU A 581 -1.24 -9.28 46.06
C GLU A 581 -0.69 -7.93 45.65
N ASN A 582 0.42 -7.94 44.89
CA ASN A 582 1.28 -6.77 44.75
C ASN A 582 1.37 -6.15 43.35
N LEU A 583 1.39 -6.95 42.28
CA LEU A 583 1.44 -6.40 40.90
C LEU A 583 0.05 -6.19 40.30
N TYR A 584 -0.84 -7.15 40.53
CA TYR A 584 -2.19 -7.16 39.99
C TYR A 584 -3.19 -7.22 41.15
N PHE A 585 -4.09 -6.23 41.20
CA PHE A 585 -5.16 -6.13 42.21
C PHE A 585 -6.47 -6.69 41.66
N GLN A 586 -7.19 -7.43 42.50
CA GLN A 586 -8.45 -8.12 42.15
C GLN A 586 -8.80 -8.19 40.64
N PHE B 11 39.89 1.66 7.80
CA PHE B 11 41.20 1.25 7.20
C PHE B 11 41.10 0.95 5.71
N ASN B 12 40.17 0.07 5.32
CA ASN B 12 40.09 -0.41 3.93
C ASN B 12 39.44 0.64 3.02
N SER B 13 40.02 0.80 1.83
CA SER B 13 39.36 1.57 0.76
C SER B 13 38.01 0.98 0.38
N THR B 14 37.89 -0.35 0.40
CA THR B 14 36.66 -1.05 0.02
C THR B 14 35.58 -0.79 1.06
N GLN B 15 35.98 -0.81 2.33
CA GLN B 15 35.10 -0.53 3.44
C GLN B 15 34.57 0.92 3.37
N LYS B 16 35.47 1.85 3.06
CA LYS B 16 35.12 3.26 2.83
C LYS B 16 34.12 3.40 1.68
N PHE B 17 34.41 2.74 0.57
CA PHE B 17 33.54 2.81 -0.62
C PHE B 17 32.13 2.31 -0.31
N ILE B 18 32.02 1.21 0.42
CA ILE B 18 30.71 0.64 0.78
C ILE B 18 29.95 1.61 1.68
N GLU B 19 30.61 2.13 2.72
CA GLU B 19 29.97 3.08 3.65
C GLU B 19 29.52 4.36 2.94
N ASP B 20 30.39 4.89 2.07
CA ASP B 20 30.06 6.09 1.28
C ASP B 20 28.98 5.88 0.22
N ASN B 21 28.82 4.67 -0.28
CA ASN B 21 27.83 4.38 -1.34
C ASN B 21 26.64 3.57 -0.84
N ILE B 22 26.42 3.53 0.48
CA ILE B 22 25.38 2.70 1.06
C ILE B 22 23.98 2.98 0.47
N GLU B 23 23.70 4.23 0.08
CA GLU B 23 22.44 4.57 -0.58
C GLU B 23 22.28 3.82 -1.91
N TYR B 24 23.26 3.96 -2.79
CA TYR B 24 23.24 3.30 -4.10
C TYR B 24 23.13 1.78 -3.97
N ILE B 25 23.88 1.21 -3.04
CA ILE B 25 23.93 -0.24 -2.81
C ILE B 25 22.59 -0.79 -2.33
N THR B 26 21.97 -0.09 -1.40
CA THR B 26 20.66 -0.47 -0.88
C THR B 26 19.60 -0.45 -1.98
N ILE B 27 19.63 0.58 -2.83
CA ILE B 27 18.71 0.68 -3.97
C ILE B 27 18.89 -0.46 -4.98
N ILE B 28 20.14 -0.82 -5.28
CA ILE B 28 20.42 -1.91 -6.20
C ILE B 28 19.81 -3.22 -5.67
N ALA B 29 20.10 -3.56 -4.41
CA ALA B 29 19.66 -4.81 -3.81
C ALA B 29 18.14 -4.98 -3.80
N PHE B 30 17.47 -3.97 -3.27
CA PHE B 30 16.04 -3.99 -3.13
C PHE B 30 15.34 -3.98 -4.50
N ALA B 31 15.80 -3.11 -5.40
CA ALA B 31 15.23 -3.06 -6.75
C ALA B 31 15.44 -4.37 -7.55
N GLN B 32 16.56 -5.06 -7.34
CA GLN B 32 16.79 -6.36 -8.00
C GLN B 32 15.96 -7.48 -7.37
N TYR B 33 15.89 -7.49 -6.03
CA TYR B 33 15.14 -8.55 -5.32
C TYR B 33 13.61 -8.38 -5.45
N VAL B 34 13.14 -7.14 -5.39
CA VAL B 34 11.70 -6.85 -5.51
C VAL B 34 11.52 -5.83 -6.63
N GLN B 35 11.36 -6.37 -7.84
CA GLN B 35 11.35 -5.58 -9.06
C GLN B 35 10.07 -4.75 -9.22
N GLU B 36 9.03 -5.11 -8.47
CA GLU B 36 7.75 -4.38 -8.44
C GLU B 36 7.75 -3.15 -7.52
N ALA B 37 8.70 -3.07 -6.58
CA ALA B 37 8.71 -2.01 -5.55
C ALA B 37 8.91 -0.62 -6.14
N THR B 38 8.27 0.38 -5.54
CA THR B 38 8.28 1.75 -6.05
C THR B 38 9.51 2.48 -5.55
N PHE B 39 9.81 3.62 -6.17
CA PHE B 39 10.94 4.44 -5.70
C PHE B 39 10.76 4.95 -4.27
N GLU B 40 9.53 5.29 -3.89
CA GLU B 40 9.24 5.76 -2.53
C GLU B 40 9.64 4.69 -1.50
N GLU B 41 9.32 3.42 -1.80
CA GLU B 41 9.72 2.30 -0.92
C GLU B 41 11.26 2.09 -0.84
N MET B 42 11.97 2.33 -1.96
CA MET B 42 13.45 2.38 -1.97
C MET B 42 13.99 3.40 -0.96
N GLU B 43 13.41 4.61 -0.97
CA GLU B 43 13.78 5.69 -0.02
C GLU B 43 13.52 5.30 1.43
N LYS B 44 12.47 4.51 1.66
CA LYS B 44 12.18 3.98 3.00
C LYS B 44 13.33 3.08 3.48
N LEU B 45 13.73 2.12 2.65
CA LEU B 45 14.82 1.20 3.01
C LEU B 45 16.17 1.90 3.10
N VAL B 46 16.40 2.94 2.30
CA VAL B 46 17.67 3.72 2.37
C VAL B 46 17.83 4.35 3.75
N LYS B 47 16.77 5.03 4.21
CA LYS B 47 16.71 5.58 5.55
C LYS B 47 17.08 4.55 6.61
N ASP B 48 16.38 3.40 6.61
CA ASP B 48 16.62 2.36 7.60
C ASP B 48 18.00 1.72 7.51
N MET B 49 18.57 1.63 6.30
CA MET B 49 19.94 1.13 6.17
C MET B 49 20.99 2.17 6.62
N VAL B 50 20.76 3.45 6.34
CA VAL B 50 21.66 4.53 6.79
C VAL B 50 21.67 4.63 8.33
N GLU B 51 20.50 4.45 8.94
CA GLU B 51 20.39 4.40 10.40
C GLU B 51 21.16 3.22 10.99
N TYR B 52 21.03 2.05 10.35
CA TYR B 52 21.80 0.87 10.75
C TYR B 52 23.31 1.15 10.68
N LYS B 53 23.76 1.82 9.61
CA LYS B 53 25.16 2.18 9.44
C LYS B 53 25.67 3.05 10.58
N ASP B 54 24.90 4.09 10.92
CA ASP B 54 25.24 5.06 11.97
C ASP B 54 25.23 4.41 13.36
N ARG B 55 24.17 3.65 13.66
CA ARG B 55 24.06 2.92 14.93
C ARG B 55 25.14 1.85 15.15
N CYS B 56 25.80 1.40 14.08
CA CYS B 56 26.95 0.49 14.18
C CYS B 56 28.28 1.25 14.34
N MET B 57 28.46 2.32 13.57
CA MET B 57 29.65 3.19 13.71
C MET B 57 29.76 3.72 15.15
N ALA B 58 28.68 4.28 15.65
CA ALA B 58 28.56 4.64 17.07
C ALA B 58 28.29 3.38 17.90
N ASP B 59 29.36 2.84 18.49
CA ASP B 59 29.32 1.60 19.32
C ASP B 59 29.00 0.35 18.51
N LYS B 60 30.06 -0.33 18.03
CA LYS B 60 29.93 -1.57 17.25
C LYS B 60 29.36 -2.75 18.01
N THR B 61 29.61 -2.81 19.32
CA THR B 61 29.19 -3.94 20.15
C THR B 61 27.69 -3.89 20.43
N LEU B 62 26.92 -4.36 19.45
CA LEU B 62 25.47 -4.47 19.54
C LEU B 62 25.03 -5.84 18.98
N PRO B 63 23.84 -6.32 19.36
CA PRO B 63 23.36 -7.61 18.84
C PRO B 63 23.09 -7.59 17.33
N GLU B 64 22.57 -6.47 16.82
CA GLU B 64 22.21 -6.32 15.41
C GLU B 64 23.42 -6.08 14.50
N CYS B 65 24.52 -5.57 15.06
CA CYS B 65 25.73 -5.27 14.29
C CYS B 65 26.52 -6.51 13.85
N SER B 66 26.30 -7.65 14.50
CA SER B 66 26.96 -8.91 14.15
C SER B 66 26.41 -9.59 12.88
N LYS B 67 25.14 -9.33 12.56
CA LYS B 67 24.46 -10.02 11.46
C LYS B 67 25.00 -9.62 10.09
N LEU B 68 24.90 -10.54 9.12
CA LEU B 68 25.41 -10.30 7.76
C LEU B 68 24.56 -9.23 7.05
N PRO B 69 25.18 -8.31 6.27
CA PRO B 69 24.44 -7.25 5.59
C PRO B 69 23.27 -7.67 4.67
N ASN B 70 23.35 -8.84 4.04
CA ASN B 70 22.24 -9.31 3.18
C ASN B 70 21.05 -9.79 4.02
N ASN B 71 21.33 -10.47 5.13
CA ASN B 71 20.29 -10.86 6.10
C ASN B 71 19.59 -9.65 6.72
N VAL B 72 20.34 -8.57 6.97
CA VAL B 72 19.78 -7.35 7.56
C VAL B 72 18.89 -6.65 6.53
N LEU B 73 19.41 -6.50 5.32
CA LEU B 73 18.65 -5.89 4.24
C LEU B 73 17.34 -6.64 3.98
N GLN B 74 17.42 -7.96 3.96
CA GLN B 74 16.25 -8.81 3.71
C GLN B 74 15.25 -8.83 4.86
N GLU B 75 15.72 -8.69 6.10
CA GLU B 75 14.84 -8.53 7.27
C GLU B 75 14.02 -7.24 7.19
N LYS B 76 14.67 -6.13 6.86
CA LYS B 76 14.00 -4.83 6.70
C LYS B 76 13.04 -4.75 5.52
N ILE B 77 13.35 -5.46 4.42
CA ILE B 77 12.40 -5.60 3.31
C ILE B 77 11.18 -6.38 3.81
N CYS B 78 11.44 -7.47 4.53
CA CYS B 78 10.38 -8.31 5.08
C CYS B 78 9.55 -7.63 6.17
N ALA B 79 10.12 -6.64 6.86
CA ALA B 79 9.40 -5.85 7.87
C ALA B 79 8.61 -4.66 7.32
N MET B 80 8.59 -4.43 6.00
CA MET B 80 7.84 -3.30 5.44
C MET B 80 6.35 -3.61 5.33
N GLU B 81 5.52 -2.71 5.87
CA GLU B 81 4.08 -2.86 5.97
C GLU B 81 3.45 -3.26 4.65
N GLY B 82 2.91 -4.48 4.60
CA GLY B 82 2.18 -4.96 3.42
C GLY B 82 3.00 -5.47 2.23
N LEU B 83 4.30 -5.17 2.18
CA LEU B 83 5.14 -5.46 0.99
C LEU B 83 5.14 -6.93 0.54
N PRO B 84 5.44 -7.86 1.46
CA PRO B 84 5.48 -9.27 1.04
C PRO B 84 4.24 -9.73 0.24
N GLN B 85 3.07 -9.43 0.77
CA GLN B 85 1.79 -9.86 0.18
C GLN B 85 1.46 -9.03 -1.06
N LYS B 86 1.76 -7.73 -1.01
CA LYS B 86 1.49 -6.83 -2.13
C LYS B 86 2.25 -7.23 -3.41
N HIS B 87 3.53 -7.60 -3.26
CA HIS B 87 4.34 -8.08 -4.40
C HIS B 87 4.70 -9.57 -4.36
N ASN B 88 3.93 -10.37 -3.62
CA ASN B 88 3.95 -11.84 -3.75
C ASN B 88 5.30 -12.48 -3.37
N PHE B 89 5.90 -12.05 -2.24
CA PHE B 89 7.10 -12.70 -1.67
C PHE B 89 7.02 -13.09 -0.19
N SER B 90 5.80 -13.31 0.30
CA SER B 90 5.59 -13.72 1.70
C SER B 90 6.14 -15.12 1.97
N HIS B 91 6.21 -15.96 0.95
CA HIS B 91 6.85 -17.28 1.06
C HIS B 91 8.33 -17.18 1.52
N CYS B 92 9.03 -16.14 1.04
CA CYS B 92 10.43 -15.91 1.41
C CYS B 92 10.61 -15.37 2.83
N CYS B 93 9.70 -14.51 3.27
CA CYS B 93 9.76 -13.94 4.64
C CYS B 93 9.39 -14.96 5.71
N SER B 94 8.56 -15.93 5.35
CA SER B 94 8.19 -17.05 6.22
C SER B 94 9.31 -18.08 6.41
N LYS B 95 10.35 -18.03 5.58
CA LYS B 95 11.59 -18.78 5.81
C LYS B 95 12.59 -17.87 6.53
N VAL B 96 13.70 -18.46 6.97
CA VAL B 96 14.80 -17.71 7.58
C VAL B 96 16.19 -18.13 7.09
N ASP B 97 17.13 -17.20 7.24
CA ASP B 97 18.56 -17.45 7.06
C ASP B 97 18.84 -17.91 5.60
N ALA B 98 19.46 -19.07 5.39
CA ALA B 98 19.90 -19.47 4.07
C ALA B 98 18.73 -19.83 3.17
N GLN B 99 17.70 -20.45 3.74
CA GLN B 99 16.48 -20.75 2.98
C GLN B 99 15.73 -19.47 2.54
N ARG B 100 15.82 -18.41 3.32
CA ARG B 100 15.22 -17.11 2.92
C ARG B 100 16.03 -16.48 1.81
N ARG B 101 17.35 -16.50 1.98
CA ARG B 101 18.26 -15.95 0.98
C ARG B 101 18.06 -16.64 -0.37
N LEU B 102 17.88 -17.97 -0.32
CA LEU B 102 17.64 -18.78 -1.50
C LEU B 102 16.28 -18.44 -2.13
N CYS B 103 15.25 -18.27 -1.29
CA CYS B 103 13.92 -17.87 -1.78
C CYS B 103 13.95 -16.51 -2.48
N PHE B 104 14.70 -15.56 -1.94
CA PHE B 104 14.85 -14.23 -2.56
C PHE B 104 15.57 -14.28 -3.91
N PHE B 105 16.59 -15.12 -4.02
CA PHE B 105 17.28 -15.39 -5.28
C PHE B 105 16.31 -15.92 -6.33
N TYR B 106 15.51 -16.92 -5.94
CA TYR B 106 14.45 -17.45 -6.80
C TYR B 106 13.32 -16.45 -7.11
N ASN B 107 13.13 -15.45 -6.26
CA ASN B 107 12.14 -14.39 -6.54
C ASN B 107 12.45 -13.50 -7.76
N LYS B 108 13.70 -13.41 -8.18
CA LYS B 108 14.07 -12.54 -9.31
C LYS B 108 13.49 -13.07 -10.63
N LYS B 109 13.09 -12.17 -11.53
CA LYS B 109 12.52 -12.51 -12.86
C LYS B 109 13.37 -11.94 -13.95
N SER B 110 13.93 -12.79 -14.82
CA SER B 110 14.60 -12.30 -16.04
C SER B 110 13.60 -11.68 -17.03
N ASP B 111 12.38 -12.22 -17.08
CA ASP B 111 11.32 -11.67 -17.94
C ASP B 111 10.72 -10.42 -17.28
N VAL B 112 11.15 -9.26 -17.75
CA VAL B 112 10.71 -7.97 -17.23
C VAL B 112 9.74 -7.25 -18.20
N GLY B 113 8.96 -8.03 -18.95
CA GLY B 113 7.91 -7.47 -19.80
C GLY B 113 6.83 -6.74 -19.02
N PHE B 114 6.49 -7.25 -17.83
CA PHE B 114 5.52 -6.60 -16.93
C PHE B 114 5.81 -5.13 -16.57
N LEU B 115 7.06 -4.68 -16.73
CA LEU B 115 7.43 -3.29 -16.45
C LEU B 115 7.19 -2.38 -17.65
N PRO B 116 6.94 -1.08 -17.39
CA PRO B 116 6.78 -0.10 -18.47
C PRO B 116 8.10 0.22 -19.17
N PRO B 117 8.06 1.09 -20.20
CA PRO B 117 9.30 1.57 -20.80
C PRO B 117 10.14 2.41 -19.84
N PHE B 118 11.40 2.59 -20.20
CA PHE B 118 12.41 3.17 -19.30
C PHE B 118 12.22 4.70 -19.37
N PRO B 119 12.01 5.39 -18.22
CA PRO B 119 11.60 6.81 -18.32
C PRO B 119 12.63 7.80 -18.87
N THR B 120 13.77 8.00 -18.20
CA THR B 120 14.88 8.87 -18.68
C THR B 120 14.55 10.34 -19.04
N LEU B 121 14.98 11.28 -18.18
CA LEU B 121 14.86 12.73 -18.42
C LEU B 121 13.41 13.21 -18.53
N ALA B 129 17.11 16.68 -22.01
CA ALA B 129 17.90 17.67 -21.28
C ALA B 129 17.67 17.58 -19.77
N TYR B 130 18.52 16.80 -19.11
CA TYR B 130 18.56 16.69 -17.64
C TYR B 130 19.07 18.00 -17.03
N GLU B 131 18.14 18.80 -16.50
CA GLU B 131 18.41 20.20 -16.10
C GLU B 131 19.41 20.33 -14.95
N SER B 132 18.95 20.33 -13.70
CA SER B 132 19.87 20.38 -12.54
C SER B 132 20.29 18.96 -12.20
N ASN B 133 21.61 18.74 -12.07
CA ASN B 133 22.17 17.39 -11.92
C ASN B 133 21.75 16.72 -10.58
N ARG B 134 22.20 17.25 -9.44
CA ARG B 134 21.89 16.69 -8.09
C ARG B 134 22.37 15.22 -7.92
N GLU B 135 21.91 14.53 -6.87
CA GLU B 135 22.15 13.08 -6.71
C GLU B 135 20.88 12.23 -6.68
N SER B 136 19.68 12.83 -6.82
CA SER B 136 18.46 12.05 -7.06
C SER B 136 18.43 11.45 -8.47
N LEU B 137 19.16 12.06 -9.41
CA LEU B 137 19.29 11.53 -10.77
C LEU B 137 19.95 10.15 -10.76
N LEU B 138 21.07 10.02 -10.06
CA LEU B 138 21.75 8.72 -9.91
C LEU B 138 20.89 7.69 -9.19
N ASN B 139 20.29 8.09 -8.06
CA ASN B 139 19.31 7.25 -7.36
C ASN B 139 18.25 6.69 -8.33
N HIS B 140 17.67 7.56 -9.16
CA HIS B 140 16.61 7.16 -10.09
C HIS B 140 17.12 6.27 -11.22
N PHE B 141 18.23 6.65 -11.83
CA PHE B 141 18.90 5.80 -12.84
C PHE B 141 19.14 4.39 -12.31
N LEU B 142 19.77 4.29 -11.12
CA LEU B 142 20.13 3.00 -10.53
C LEU B 142 18.93 2.13 -10.23
N TYR B 143 17.90 2.74 -9.67
CA TYR B 143 16.62 2.09 -9.42
C TYR B 143 16.01 1.50 -10.70
N GLU B 144 15.95 2.33 -11.73
CA GLU B 144 15.31 1.95 -12.99
C GLU B 144 16.13 0.90 -13.79
N VAL B 145 17.46 1.02 -13.77
CA VAL B 145 18.30 0.00 -14.41
C VAL B 145 18.25 -1.32 -13.62
N ALA B 146 18.37 -1.26 -12.31
CA ALA B 146 18.52 -2.48 -11.49
C ALA B 146 17.29 -3.38 -11.52
N ARG B 147 16.09 -2.79 -11.45
CA ARG B 147 14.86 -3.56 -11.51
C ARG B 147 14.61 -4.23 -12.87
N ARG B 148 15.20 -3.69 -13.94
CA ARG B 148 15.12 -4.31 -15.28
C ARG B 148 16.26 -5.28 -15.58
N ASN B 149 17.31 -5.24 -14.73
CA ASN B 149 18.48 -6.12 -14.86
C ASN B 149 18.79 -6.69 -13.48
N PRO B 150 18.00 -7.66 -13.03
CA PRO B 150 18.05 -8.11 -11.64
C PRO B 150 19.26 -8.97 -11.29
N PHE B 151 20.01 -9.46 -12.27
CA PHE B 151 21.14 -10.33 -12.02
C PHE B 151 22.50 -9.68 -12.22
N VAL B 152 22.56 -8.49 -12.84
CA VAL B 152 23.82 -7.80 -13.06
C VAL B 152 24.51 -7.44 -11.73
N PHE B 153 25.81 -7.68 -11.68
CA PHE B 153 26.57 -7.53 -10.43
C PHE B 153 26.76 -6.06 -10.14
N ALA B 154 26.83 -5.70 -8.86
CA ALA B 154 26.89 -4.30 -8.42
C ALA B 154 28.07 -3.49 -8.91
N PRO B 155 29.31 -4.06 -8.89
CA PRO B 155 30.45 -3.33 -9.45
C PRO B 155 30.23 -2.87 -10.89
N THR B 156 29.61 -3.72 -11.70
CA THR B 156 29.26 -3.37 -13.06
C THR B 156 28.25 -2.23 -13.09
N LEU B 157 27.21 -2.34 -12.27
CA LEU B 157 26.16 -1.34 -12.20
C LEU B 157 26.64 0.02 -11.67
N LEU B 158 27.46 0.02 -10.63
CA LEU B 158 28.00 1.27 -10.08
C LEU B 158 28.96 1.95 -11.05
N THR B 159 29.71 1.16 -11.83
CA THR B 159 30.57 1.71 -12.88
C THR B 159 29.75 2.26 -14.04
N VAL B 160 28.67 1.59 -14.41
CA VAL B 160 27.75 2.10 -15.43
C VAL B 160 27.21 3.49 -15.04
N ALA B 161 26.78 3.64 -13.78
CA ALA B 161 26.23 4.91 -13.29
C ALA B 161 27.23 6.08 -13.30
N VAL B 162 28.49 5.80 -12.93
CA VAL B 162 29.56 6.79 -13.02
C VAL B 162 29.78 7.24 -14.48
N HIS B 163 29.72 6.29 -15.43
CA HIS B 163 29.79 6.62 -16.86
C HIS B 163 28.54 7.35 -17.35
N PHE B 164 27.39 7.11 -16.72
CA PHE B 164 26.14 7.83 -17.03
C PHE B 164 26.19 9.28 -16.56
N GLU B 165 26.70 9.52 -15.34
CA GLU B 165 26.86 10.88 -14.82
C GLU B 165 27.72 11.76 -15.72
N GLU B 166 28.82 11.20 -16.22
CA GLU B 166 29.73 11.91 -17.13
C GLU B 166 29.04 12.19 -18.48
N VAL B 167 28.34 11.20 -19.02
CA VAL B 167 27.66 11.32 -20.32
C VAL B 167 26.45 12.25 -20.28
N ALA B 168 25.61 12.11 -19.25
CA ALA B 168 24.24 12.67 -19.27
C ALA B 168 24.18 14.16 -19.57
N LYS B 169 24.95 14.93 -18.81
CA LYS B 169 24.94 16.40 -18.91
C LYS B 169 25.45 16.97 -20.26
N SER B 170 26.31 16.21 -20.93
CA SER B 170 26.85 16.59 -22.25
C SER B 170 25.86 16.22 -23.37
N CYS B 171 24.87 17.07 -23.60
CA CYS B 171 23.83 16.85 -24.63
C CYS B 171 23.24 18.16 -25.13
N THR B 183 23.01 11.20 -26.79
CA THR B 183 23.43 9.81 -26.97
C THR B 183 24.80 9.67 -26.30
N ARG B 184 25.81 9.01 -26.89
CA ARG B 184 27.07 8.67 -26.17
C ARG B 184 26.96 7.58 -25.09
N ALA B 185 25.73 7.26 -24.65
CA ALA B 185 25.46 6.21 -23.69
C ALA B 185 25.22 4.83 -24.33
N ILE B 186 25.19 4.76 -25.67
CA ILE B 186 25.05 3.47 -26.38
C ILE B 186 26.24 2.51 -26.12
N PRO B 187 27.48 3.01 -26.06
CA PRO B 187 28.62 2.20 -25.58
C PRO B 187 28.55 1.78 -24.09
N VAL B 188 27.93 2.60 -23.25
CA VAL B 188 27.73 2.29 -21.84
C VAL B 188 26.67 1.18 -21.71
N THR B 189 25.56 1.35 -22.40
CA THR B 189 24.52 0.33 -22.53
C THR B 189 25.05 -0.99 -23.10
N GLN B 190 25.95 -0.91 -24.08
CA GLN B 190 26.55 -2.12 -24.64
C GLN B 190 27.46 -2.82 -23.62
N TYR B 191 28.21 -2.05 -22.85
CA TYR B 191 29.01 -2.57 -21.73
C TYR B 191 28.14 -3.27 -20.66
N LEU B 192 26.97 -2.73 -20.38
CA LEU B 192 26.04 -3.33 -19.41
C LEU B 192 25.51 -4.69 -19.86
N LYS B 193 25.02 -4.76 -21.10
CA LYS B 193 24.36 -5.97 -21.60
C LYS B 193 25.34 -7.12 -21.85
N ALA B 194 26.55 -6.77 -22.27
CA ALA B 194 27.57 -7.79 -22.52
C ALA B 194 28.02 -8.39 -21.20
N PHE B 195 28.25 -7.54 -20.20
CA PHE B 195 28.60 -7.99 -18.85
C PHE B 195 27.53 -8.85 -18.21
N SER B 196 26.29 -8.37 -18.19
CA SER B 196 25.21 -9.13 -17.57
C SER B 196 24.92 -10.45 -18.28
N SER B 197 25.11 -10.45 -19.60
CA SER B 197 24.98 -11.70 -20.36
C SER B 197 26.02 -12.75 -19.88
N TYR B 198 27.26 -12.36 -19.70
CA TYR B 198 28.26 -13.30 -19.18
C TYR B 198 28.04 -13.68 -17.70
N GLN B 199 27.63 -12.71 -16.89
CA GLN B 199 27.36 -12.97 -15.47
C GLN B 199 26.21 -13.95 -15.32
N LYS B 200 25.15 -13.77 -16.11
CA LYS B 200 24.02 -14.68 -16.07
C LYS B 200 24.33 -16.09 -16.53
N HIS B 201 25.20 -16.21 -17.53
CA HIS B 201 25.66 -17.51 -18.02
C HIS B 201 26.44 -18.25 -16.94
N VAL B 202 27.33 -17.56 -16.27
CA VAL B 202 28.10 -18.20 -15.20
C VAL B 202 27.19 -18.55 -14.01
N CYS B 203 26.31 -17.63 -13.61
CA CYS B 203 25.38 -17.94 -12.51
C CYS B 203 24.41 -19.09 -12.83
N GLY B 204 23.88 -19.10 -14.05
CA GLY B 204 23.09 -20.25 -14.56
C GLY B 204 23.82 -21.56 -14.47
N ALA B 205 25.08 -21.54 -14.89
CA ALA B 205 25.92 -22.73 -14.81
C ALA B 205 26.19 -23.17 -13.35
N LEU B 206 26.39 -22.21 -12.46
CA LEU B 206 26.56 -22.53 -11.03
C LEU B 206 25.33 -23.24 -10.47
N LEU B 207 24.13 -22.72 -10.75
CA LEU B 207 22.89 -23.33 -10.24
C LEU B 207 22.69 -24.74 -10.77
N LYS B 208 22.89 -24.93 -12.08
CA LYS B 208 22.58 -26.22 -12.73
C LYS B 208 23.68 -27.24 -12.59
N PHE B 209 24.94 -26.80 -12.56
CA PHE B 209 26.10 -27.74 -12.57
C PHE B 209 27.00 -27.71 -11.36
N GLY B 210 26.90 -26.69 -10.53
CA GLY B 210 27.66 -26.64 -9.29
C GLY B 210 29.03 -26.01 -9.48
N THR B 211 29.68 -25.77 -8.35
CA THR B 211 30.86 -24.95 -8.25
C THR B 211 32.06 -25.52 -8.95
N LYS B 212 32.12 -26.84 -9.06
CA LYS B 212 33.21 -27.45 -9.78
C LYS B 212 33.30 -26.93 -11.22
N VAL B 213 32.16 -26.86 -11.92
CA VAL B 213 32.14 -26.39 -13.29
C VAL B 213 32.52 -24.90 -13.38
N VAL B 214 32.10 -24.08 -12.44
CA VAL B 214 32.55 -22.66 -12.42
C VAL B 214 34.07 -22.58 -12.28
N HIS B 215 34.66 -23.46 -11.45
CA HIS B 215 36.12 -23.45 -11.28
C HIS B 215 36.76 -23.74 -12.63
N PHE B 216 36.30 -24.77 -13.33
CA PHE B 216 36.90 -25.13 -14.62
C PHE B 216 36.69 -24.09 -15.72
N ILE B 217 35.56 -23.38 -15.70
CA ILE B 217 35.34 -22.24 -16.57
C ILE B 217 36.38 -21.18 -16.29
N TYR B 218 36.64 -20.89 -15.02
CA TYR B 218 37.61 -19.82 -14.73
C TYR B 218 39.07 -20.22 -14.86
N ILE B 219 39.39 -21.49 -14.69
CA ILE B 219 40.72 -22.01 -15.07
C ILE B 219 40.96 -21.74 -16.55
N ALA B 220 39.99 -22.12 -17.40
CA ALA B 220 40.09 -21.88 -18.84
C ALA B 220 40.23 -20.39 -19.20
N ILE B 221 39.32 -19.56 -18.71
CA ILE B 221 39.31 -18.12 -18.98
C ILE B 221 40.59 -17.43 -18.53
N LEU B 222 40.97 -17.59 -17.26
CA LEU B 222 42.12 -16.85 -16.72
C LEU B 222 43.43 -17.37 -17.31
N SER B 223 43.53 -18.69 -17.53
CA SER B 223 44.72 -19.26 -18.16
C SER B 223 44.86 -18.76 -19.58
N GLN B 224 43.74 -18.60 -20.28
CA GLN B 224 43.78 -18.09 -21.64
C GLN B 224 44.16 -16.61 -21.66
N LYS B 225 43.62 -15.86 -20.70
CA LYS B 225 43.81 -14.42 -20.64
C LYS B 225 45.17 -14.01 -20.07
N PHE B 226 45.68 -14.79 -19.12
CA PHE B 226 46.94 -14.52 -18.43
C PHE B 226 47.90 -15.69 -18.63
N PRO B 227 48.36 -15.91 -19.89
CA PRO B 227 49.13 -17.13 -20.14
C PRO B 227 50.46 -17.26 -19.37
N LYS B 228 51.08 -16.16 -18.97
CA LYS B 228 52.37 -16.25 -18.24
C LYS B 228 52.23 -16.61 -16.76
N ILE B 229 51.00 -16.62 -16.24
CA ILE B 229 50.74 -16.91 -14.83
C ILE B 229 51.21 -18.31 -14.46
N GLU B 230 51.61 -18.49 -13.20
CA GLU B 230 52.05 -19.80 -12.71
C GLU B 230 50.85 -20.54 -12.15
N PHE B 231 50.92 -21.87 -12.18
CA PHE B 231 49.75 -22.68 -11.81
C PHE B 231 49.23 -22.39 -10.40
N LYS B 232 50.14 -22.25 -9.46
CA LYS B 232 49.77 -22.06 -8.06
C LYS B 232 49.01 -20.73 -7.83
N GLU B 233 49.51 -19.64 -8.44
CA GLU B 233 48.86 -18.35 -8.38
C GLU B 233 47.52 -18.33 -9.13
N LEU B 234 47.45 -19.03 -10.26
CA LEU B 234 46.21 -19.22 -11.00
C LEU B 234 45.13 -19.85 -10.15
N ILE B 235 45.45 -20.96 -9.52
CA ILE B 235 44.47 -21.68 -8.70
C ILE B 235 43.99 -20.82 -7.53
N SER B 236 44.90 -20.07 -6.93
CA SER B 236 44.54 -19.09 -5.89
C SER B 236 43.54 -18.05 -6.40
N LEU B 237 43.82 -17.49 -7.56
CA LEU B 237 42.96 -16.50 -8.20
C LEU B 237 41.60 -17.08 -8.61
N VAL B 238 41.59 -18.31 -9.08
CA VAL B 238 40.34 -18.99 -9.43
C VAL B 238 39.46 -19.21 -8.21
N GLU B 239 40.06 -19.52 -7.06
CA GLU B 239 39.31 -19.65 -5.81
C GLU B 239 38.68 -18.31 -5.38
N ASP B 240 39.41 -17.21 -5.55
CA ASP B 240 38.88 -15.90 -5.25
C ASP B 240 37.70 -15.55 -6.19
N VAL B 241 37.84 -15.85 -7.48
CA VAL B 241 36.80 -15.56 -8.47
C VAL B 241 35.58 -16.41 -8.19
N SER B 242 35.81 -17.69 -7.92
CA SER B 242 34.71 -18.62 -7.58
CA SER B 242 34.72 -18.61 -7.60
C SER B 242 33.88 -18.13 -6.39
N SER B 243 34.56 -17.67 -5.33
CA SER B 243 33.85 -17.13 -4.16
CA SER B 243 33.85 -17.13 -4.17
C SER B 243 33.11 -15.84 -4.51
N ASN B 244 33.71 -15.02 -5.36
CA ASN B 244 33.06 -13.81 -5.88
C ASN B 244 31.70 -14.20 -6.51
N TYR B 245 31.71 -15.21 -7.38
CA TYR B 245 30.48 -15.69 -8.04
C TYR B 245 29.41 -16.27 -7.10
N ASP B 246 29.80 -17.02 -6.07
CA ASP B 246 28.81 -17.54 -5.10
C ASP B 246 28.03 -16.39 -4.45
N GLY B 247 28.73 -15.30 -4.11
CA GLY B 247 28.10 -14.13 -3.50
C GLY B 247 27.30 -13.31 -4.49
N CYS B 248 27.93 -12.95 -5.61
CA CYS B 248 27.29 -12.11 -6.64
C CYS B 248 26.05 -12.80 -7.27
N CYS B 249 26.11 -14.11 -7.52
CA CYS B 249 24.98 -14.82 -8.12
C CYS B 249 23.76 -14.88 -7.22
N GLU B 250 23.97 -14.95 -5.92
CA GLU B 250 22.89 -14.92 -4.93
C GLU B 250 22.18 -13.56 -4.87
N GLY B 251 22.86 -12.49 -5.29
CA GLY B 251 22.34 -11.14 -5.21
C GLY B 251 22.80 -10.37 -3.98
N ASP B 252 23.83 -10.87 -3.28
CA ASP B 252 24.39 -10.22 -2.08
C ASP B 252 25.36 -9.11 -2.51
N VAL B 253 24.83 -7.91 -2.66
CA VAL B 253 25.56 -6.77 -3.25
C VAL B 253 26.82 -6.36 -2.48
N VAL B 254 26.72 -6.28 -1.16
CA VAL B 254 27.85 -5.88 -0.31
C VAL B 254 29.00 -6.87 -0.46
N GLN B 255 28.65 -8.15 -0.33
CA GLN B 255 29.61 -9.21 -0.40
C GLN B 255 30.24 -9.31 -1.80
N CYS B 256 29.44 -8.98 -2.81
CA CYS B 256 29.90 -8.95 -4.19
C CYS B 256 30.95 -7.86 -4.41
N ILE B 257 30.70 -6.67 -3.85
CA ILE B 257 31.70 -5.59 -3.85
C ILE B 257 33.01 -5.97 -3.12
N ARG B 258 32.88 -6.58 -1.94
CA ARG B 258 34.06 -6.99 -1.17
C ARG B 258 34.87 -8.06 -1.91
N ASP B 259 34.19 -9.12 -2.34
CA ASP B 259 34.84 -10.22 -3.02
C ASP B 259 35.44 -9.84 -4.37
N THR B 260 34.82 -8.88 -5.07
CA THR B 260 35.38 -8.34 -6.32
C THR B 260 36.67 -7.55 -6.10
N SER B 261 36.65 -6.62 -5.11
CA SER B 261 37.86 -5.90 -4.69
C SER B 261 39.02 -6.83 -4.35
N LYS B 262 38.72 -7.89 -3.59
CA LYS B 262 39.72 -8.86 -3.19
C LYS B 262 40.36 -9.56 -4.39
N VAL B 263 39.56 -9.87 -5.42
CA VAL B 263 40.10 -10.45 -6.64
C VAL B 263 41.07 -9.46 -7.29
N MET B 264 40.65 -8.20 -7.37
CA MET B 264 41.43 -7.21 -8.10
C MET B 264 42.68 -6.77 -7.34
N ASN B 265 42.58 -6.61 -6.00
CA ASN B 265 43.75 -6.40 -5.14
C ASN B 265 44.80 -7.46 -5.43
N HIS B 266 44.35 -8.71 -5.45
CA HIS B 266 45.23 -9.86 -5.66
C HIS B 266 45.93 -9.81 -7.03
N ILE B 267 45.16 -9.58 -8.08
CA ILE B 267 45.73 -9.41 -9.43
C ILE B 267 46.72 -8.23 -9.52
N CYS B 268 46.35 -7.08 -8.97
CA CYS B 268 47.22 -5.88 -9.08
C CYS B 268 48.49 -5.95 -8.24
N SER B 269 48.46 -6.71 -7.14
CA SER B 269 49.66 -6.92 -6.32
C SER B 269 50.70 -7.88 -6.95
N LYS B 270 50.25 -8.77 -7.84
CA LYS B 270 51.12 -9.73 -8.54
C LYS B 270 51.14 -9.45 -10.05
N GLN B 271 51.08 -8.16 -10.39
CA GLN B 271 50.80 -7.67 -11.72
C GLN B 271 51.80 -8.14 -12.78
N ASP B 272 53.08 -7.97 -12.49
N ASP B 272 53.09 -7.93 -12.50
CA ASP B 272 54.15 -8.34 -13.43
CA ASP B 272 54.18 -8.34 -13.37
C ASP B 272 54.29 -9.85 -13.66
C ASP B 272 54.19 -9.84 -13.70
N SER B 273 53.72 -10.66 -12.75
CA SER B 273 53.68 -12.12 -12.90
C SER B 273 52.35 -12.66 -13.44
N ILE B 274 51.44 -11.77 -13.85
CA ILE B 274 50.09 -12.15 -14.31
C ILE B 274 49.79 -11.59 -15.71
N SER B 275 49.97 -10.28 -15.89
CA SER B 275 49.62 -9.63 -17.12
C SER B 275 50.33 -8.30 -17.27
N SER B 276 50.99 -8.09 -18.41
CA SER B 276 51.55 -6.79 -18.78
C SER B 276 50.54 -5.85 -19.46
N LYS B 277 49.29 -6.29 -19.60
CA LYS B 277 48.20 -5.47 -20.21
C LYS B 277 47.31 -4.71 -19.20
N ILE B 278 47.59 -4.80 -17.90
CA ILE B 278 46.70 -4.24 -16.87
C ILE B 278 47.28 -3.07 -16.06
N LYS B 279 48.38 -2.48 -16.55
CA LYS B 279 49.08 -1.38 -15.87
C LYS B 279 48.16 -0.21 -15.56
N GLU B 280 47.48 0.28 -16.59
CA GLU B 280 46.58 1.43 -16.47
C GLU B 280 45.38 1.12 -15.57
N CYS B 281 44.83 -0.09 -15.70
CA CYS B 281 43.72 -0.55 -14.85
C CYS B 281 44.06 -0.52 -13.38
N CYS B 282 45.23 -1.07 -13.03
CA CYS B 282 45.66 -1.17 -11.64
C CYS B 282 45.91 0.20 -10.96
N GLU B 283 46.09 1.25 -11.76
CA GLU B 283 46.17 2.64 -11.25
C GLU B 283 44.81 3.29 -10.97
N LYS B 284 43.71 2.68 -11.41
CA LYS B 284 42.36 3.20 -11.18
C LYS B 284 41.83 2.80 -9.80
N LYS B 285 40.71 3.39 -9.41
CA LYS B 285 40.09 3.16 -8.09
C LYS B 285 39.02 2.07 -8.12
N ILE B 286 38.54 1.71 -6.93
CA ILE B 286 37.35 0.85 -6.80
C ILE B 286 36.12 1.68 -7.26
N PRO B 287 35.24 1.14 -8.12
CA PRO B 287 35.29 -0.21 -8.68
C PRO B 287 35.66 -0.22 -10.18
N GLU B 288 36.10 0.92 -10.73
CA GLU B 288 36.50 1.00 -12.13
C GLU B 288 37.69 0.09 -12.46
N ARG B 289 38.63 -0.01 -11.52
CA ARG B 289 39.80 -0.88 -11.65
C ARG B 289 39.39 -2.28 -12.11
N GLY B 290 38.50 -2.91 -11.36
CA GLY B 290 38.05 -4.25 -11.67
C GLY B 290 37.38 -4.42 -13.02
N GLN B 291 36.62 -3.42 -13.45
CA GLN B 291 35.93 -3.50 -14.74
C GLN B 291 36.93 -3.38 -15.88
N CYS B 292 37.91 -2.48 -15.74
CA CYS B 292 39.03 -2.38 -16.69
C CYS B 292 39.78 -3.71 -16.84
N ILE B 293 40.08 -4.37 -15.72
CA ILE B 293 40.82 -5.62 -15.74
C ILE B 293 40.05 -6.70 -16.49
N ILE B 294 38.77 -6.84 -16.16
CA ILE B 294 37.86 -7.77 -16.86
C ILE B 294 37.83 -7.49 -18.37
N ASN B 295 37.77 -6.22 -18.75
CA ASN B 295 37.72 -5.82 -20.16
C ASN B 295 39.07 -5.91 -20.90
N SER B 296 40.18 -6.04 -20.19
CA SER B 296 41.51 -5.96 -20.80
C SER B 296 41.73 -7.08 -21.84
N ASN B 297 42.64 -6.84 -22.76
CA ASN B 297 42.96 -7.85 -23.78
C ASN B 297 43.74 -8.99 -23.17
N LYS B 298 43.61 -10.17 -23.78
CA LYS B 298 44.48 -11.31 -23.49
C LYS B 298 45.92 -10.86 -23.57
N ASP B 299 46.74 -11.25 -22.59
CA ASP B 299 48.16 -10.96 -22.62
C ASP B 299 48.83 -11.86 -23.67
N ASP B 300 49.97 -11.42 -24.18
CA ASP B 300 50.68 -12.18 -25.21
C ASP B 300 51.28 -13.44 -24.58
N ARG B 301 51.49 -14.45 -25.39
CA ARG B 301 52.08 -15.71 -24.92
C ARG B 301 53.56 -15.46 -24.61
N PRO B 302 54.06 -16.02 -23.49
CA PRO B 302 55.51 -15.98 -23.23
C PRO B 302 56.32 -16.51 -24.40
N LYS B 303 57.48 -15.90 -24.67
CA LYS B 303 58.38 -16.32 -25.75
C LYS B 303 58.78 -17.79 -25.60
N ASP B 304 59.14 -18.15 -24.36
CA ASP B 304 59.66 -19.49 -24.04
C ASP B 304 58.59 -20.61 -23.90
N LEU B 305 57.30 -20.24 -23.91
CA LEU B 305 56.20 -21.23 -23.80
C LEU B 305 56.16 -22.18 -24.99
N SER B 306 56.30 -23.48 -24.73
CA SER B 306 56.31 -24.49 -25.80
C SER B 306 54.97 -24.59 -26.49
N LEU B 307 54.98 -25.20 -27.67
CA LEU B 307 53.74 -25.37 -28.44
C LEU B 307 52.77 -26.39 -27.81
N ARG B 308 53.30 -27.32 -27.01
CA ARG B 308 52.49 -28.34 -26.32
C ARG B 308 53.19 -28.82 -25.05
N GLU B 309 52.40 -29.21 -24.06
CA GLU B 309 52.92 -29.79 -22.83
C GLU B 309 52.77 -31.31 -22.91
N GLY B 310 53.90 -31.98 -23.15
CA GLY B 310 53.92 -33.39 -23.51
C GLY B 310 53.64 -34.40 -22.39
N LYS B 311 53.78 -34.00 -21.14
CA LYS B 311 53.56 -34.90 -20.00
C LYS B 311 52.14 -35.48 -19.89
N PHE B 312 51.13 -34.81 -20.46
CA PHE B 312 49.76 -35.35 -20.45
C PHE B 312 49.54 -36.54 -21.40
N THR B 313 50.41 -36.72 -22.38
CA THR B 313 50.35 -37.85 -23.34
C THR B 313 51.63 -38.73 -23.46
N ASP B 314 52.81 -38.15 -23.28
CA ASP B 314 54.09 -38.82 -23.54
C ASP B 314 54.59 -39.64 -22.36
N SER B 315 54.41 -39.12 -21.16
CA SER B 315 54.76 -39.84 -19.94
C SER B 315 54.03 -41.18 -19.87
N GLU B 316 54.68 -42.14 -19.22
CA GLU B 316 54.10 -43.45 -18.95
C GLU B 316 53.37 -43.50 -17.59
N ASN B 317 53.43 -42.42 -16.82
CA ASN B 317 52.84 -42.37 -15.48
C ASN B 317 51.59 -41.48 -15.36
N VAL B 318 50.91 -41.24 -16.48
CA VAL B 318 49.76 -40.32 -16.47
C VAL B 318 48.69 -40.80 -15.52
N CYS B 319 48.38 -42.10 -15.57
CA CYS B 319 47.28 -42.63 -14.76
C CYS B 319 47.51 -42.47 -13.25
N GLN B 320 48.76 -42.70 -12.80
N GLN B 320 48.76 -42.71 -12.81
CA GLN B 320 49.15 -42.52 -11.40
CA GLN B 320 49.14 -42.54 -11.42
C GLN B 320 49.09 -41.05 -10.99
C GLN B 320 49.17 -41.07 -10.97
N GLU B 321 49.49 -40.15 -11.89
CA GLU B 321 49.44 -38.71 -11.63
C GLU B 321 48.01 -38.21 -11.51
N ARG B 322 47.14 -38.73 -12.37
CA ARG B 322 45.70 -38.53 -12.23
C ARG B 322 45.23 -39.07 -10.89
N ASP B 323 45.55 -40.32 -10.57
CA ASP B 323 45.04 -40.95 -9.34
C ASP B 323 45.53 -40.29 -8.04
N ALA B 324 46.68 -39.64 -8.07
CA ALA B 324 47.23 -38.98 -6.89
C ALA B 324 46.36 -37.79 -6.46
N ASP B 325 45.83 -37.03 -7.42
CA ASP B 325 44.89 -35.92 -7.14
C ASP B 325 44.11 -35.53 -8.43
N PRO B 326 43.00 -36.25 -8.72
CA PRO B 326 42.26 -36.10 -9.99
C PRO B 326 41.81 -34.67 -10.33
N ASP B 327 41.16 -33.98 -9.39
CA ASP B 327 40.73 -32.58 -9.60
C ASP B 327 41.89 -31.65 -9.93
N THR B 328 43.01 -31.81 -9.24
CA THR B 328 44.20 -30.97 -9.49
C THR B 328 44.86 -31.38 -10.81
N PHE B 329 44.88 -32.66 -11.11
CA PHE B 329 45.50 -33.13 -12.34
C PHE B 329 44.74 -32.55 -13.57
N PHE B 330 43.41 -32.62 -13.55
CA PHE B 330 42.61 -32.07 -14.64
C PHE B 330 42.62 -30.54 -14.69
N ALA B 331 42.72 -29.90 -13.54
CA ALA B 331 42.95 -28.44 -13.48
C ALA B 331 44.26 -28.02 -14.13
N LYS B 332 45.31 -28.82 -13.90
CA LYS B 332 46.60 -28.54 -14.50
C LYS B 332 46.53 -28.72 -16.02
N PHE B 333 45.89 -29.80 -16.46
CA PHE B 333 45.68 -30.01 -17.90
C PHE B 333 44.98 -28.81 -18.56
N THR B 334 43.92 -28.32 -17.92
CA THR B 334 43.11 -27.22 -18.44
C THR B 334 43.94 -25.95 -18.52
N PHE B 335 44.75 -25.73 -17.49
CA PHE B 335 45.69 -24.60 -17.43
C PHE B 335 46.69 -24.66 -18.56
N GLU B 336 47.33 -25.81 -18.71
CA GLU B 336 48.41 -25.96 -19.69
C GLU B 336 47.88 -25.91 -21.13
N TYR B 337 46.73 -26.53 -21.37
CA TYR B 337 46.10 -26.49 -22.70
C TYR B 337 45.53 -25.12 -23.02
N SER B 338 44.83 -24.50 -22.07
CA SER B 338 44.14 -23.20 -22.36
C SER B 338 45.10 -22.03 -22.59
N ARG B 339 46.24 -22.01 -21.90
CA ARG B 339 47.13 -20.86 -22.09
C ARG B 339 47.89 -20.93 -23.42
N ARG B 340 47.92 -22.12 -24.01
CA ARG B 340 48.53 -22.33 -25.32
C ARG B 340 47.53 -22.21 -26.46
N HIS B 341 46.24 -22.05 -26.17
CA HIS B 341 45.21 -21.99 -27.24
C HIS B 341 44.31 -20.79 -27.05
N PRO B 342 44.87 -19.58 -27.25
CA PRO B 342 44.07 -18.38 -27.14
C PRO B 342 42.97 -18.20 -28.19
N ASP B 343 42.92 -19.09 -29.19
CA ASP B 343 41.93 -19.02 -30.28
C ASP B 343 40.80 -20.05 -30.14
N LEU B 344 40.75 -20.81 -29.05
CA LEU B 344 39.57 -21.63 -28.77
C LEU B 344 38.56 -20.88 -27.91
N SER B 345 37.29 -21.20 -28.12
CA SER B 345 36.23 -20.74 -27.24
C SER B 345 36.36 -21.46 -25.88
N ILE B 346 35.73 -20.90 -24.86
CA ILE B 346 35.70 -21.51 -23.53
C ILE B 346 34.98 -22.87 -23.54
N PRO B 347 33.82 -22.97 -24.24
CA PRO B 347 33.16 -24.27 -24.36
C PRO B 347 34.01 -25.35 -25.05
N GLU B 348 34.74 -24.97 -26.08
CA GLU B 348 35.63 -25.93 -26.79
C GLU B 348 36.76 -26.43 -25.85
N LEU B 349 37.37 -25.53 -25.09
CA LEU B 349 38.37 -25.96 -24.07
C LEU B 349 37.78 -26.95 -23.07
N LEU B 350 36.55 -26.70 -22.61
CA LEU B 350 35.90 -27.59 -21.65
C LEU B 350 35.50 -28.91 -22.25
N ARG B 351 35.11 -28.92 -23.52
CA ARG B 351 34.86 -30.17 -24.25
C ARG B 351 36.14 -30.99 -24.32
N ILE B 352 37.24 -30.32 -24.61
CA ILE B 352 38.56 -30.99 -24.66
C ILE B 352 38.98 -31.62 -23.33
N VAL B 353 38.73 -30.91 -22.22
CA VAL B 353 38.98 -31.42 -20.87
C VAL B 353 38.19 -32.70 -20.64
N GLN B 354 36.90 -32.65 -20.96
CA GLN B 354 36.02 -33.81 -20.78
C GLN B 354 36.41 -35.02 -21.66
N ILE B 355 36.80 -34.74 -22.90
CA ILE B 355 37.32 -35.78 -23.80
C ILE B 355 38.60 -36.42 -23.22
N TYR B 356 39.48 -35.60 -22.66
CA TYR B 356 40.72 -36.11 -22.06
C TYR B 356 40.39 -36.95 -20.84
N LYS B 357 39.49 -36.45 -20.00
CA LYS B 357 39.03 -37.16 -18.83
C LYS B 357 38.41 -38.53 -19.18
N ASP B 358 37.51 -38.56 -20.15
CA ASP B 358 36.87 -39.81 -20.60
C ASP B 358 37.83 -40.78 -21.27
N LEU B 359 38.77 -40.26 -22.06
CA LEU B 359 39.81 -41.10 -22.65
C LEU B 359 40.66 -41.80 -21.56
N LEU B 360 41.04 -41.08 -20.51
CA LEU B 360 41.80 -41.71 -19.41
C LEU B 360 40.94 -42.66 -18.57
N ARG B 361 39.64 -42.40 -18.47
CA ARG B 361 38.75 -43.32 -17.75
C ARG B 361 38.71 -44.71 -18.41
N ASN B 362 38.74 -44.74 -19.74
CA ASN B 362 38.81 -46.01 -20.48
C ASN B 362 40.23 -46.58 -20.43
N CYS B 363 41.21 -45.77 -20.84
CA CYS B 363 42.61 -46.17 -20.97
C CYS B 363 43.25 -46.74 -19.71
N CYS B 364 43.06 -46.08 -18.58
CA CYS B 364 43.73 -46.46 -17.34
C CYS B 364 43.28 -47.77 -16.69
N ASN B 365 42.24 -48.42 -17.21
CA ASN B 365 41.87 -49.79 -16.79
C ASN B 365 42.27 -50.88 -17.80
N THR B 366 42.91 -50.51 -18.90
CA THR B 366 43.38 -51.49 -19.90
C THR B 366 44.75 -52.09 -19.52
N GLU B 367 45.23 -53.05 -20.32
CA GLU B 367 46.52 -53.72 -20.06
C GLU B 367 47.73 -52.82 -20.38
N ASN B 368 47.57 -51.88 -21.33
CA ASN B 368 48.64 -50.95 -21.73
C ASN B 368 48.09 -49.52 -21.79
N PRO B 369 47.88 -48.87 -20.63
CA PRO B 369 47.33 -47.52 -20.69
C PRO B 369 48.16 -46.52 -21.51
N PRO B 370 49.50 -46.51 -21.35
CA PRO B 370 50.29 -45.57 -22.19
C PRO B 370 50.03 -45.67 -23.69
N GLY B 371 49.71 -46.87 -24.18
CA GLY B 371 49.33 -47.08 -25.57
C GLY B 371 48.18 -46.24 -26.12
N CYS B 372 46.99 -46.32 -25.53
CA CYS B 372 45.84 -45.58 -26.07
C CYS B 372 45.83 -44.08 -25.78
N TYR B 373 46.40 -43.63 -24.65
CA TYR B 373 46.39 -42.19 -24.38
C TYR B 373 47.49 -41.42 -25.11
N ARG B 374 48.43 -42.13 -25.72
CA ARG B 374 49.55 -41.49 -26.43
C ARG B 374 49.11 -40.52 -27.52
N TYR B 375 47.99 -40.83 -28.20
CA TYR B 375 47.49 -40.02 -29.30
C TYR B 375 46.23 -39.22 -28.96
N ALA B 376 46.10 -38.83 -27.70
CA ALA B 376 44.98 -38.00 -27.26
C ALA B 376 44.88 -36.69 -28.03
N GLU B 377 46.01 -36.10 -28.40
CA GLU B 377 45.98 -34.86 -29.20
C GLU B 377 45.27 -34.97 -30.55
N ASP B 378 45.20 -36.19 -31.12
CA ASP B 378 44.43 -36.41 -32.34
C ASP B 378 42.92 -36.31 -32.08
N LYS B 379 42.45 -36.87 -30.97
CA LYS B 379 41.05 -36.65 -30.55
C LYS B 379 40.78 -35.17 -30.34
N PHE B 380 41.73 -34.44 -29.75
CA PHE B 380 41.53 -32.99 -29.50
C PHE B 380 41.43 -32.25 -30.82
N ASN B 381 42.41 -32.49 -31.70
CA ASN B 381 42.43 -31.85 -33.03
C ASN B 381 41.21 -32.22 -33.86
N GLU B 382 40.78 -33.47 -33.78
CA GLU B 382 39.56 -33.93 -34.43
C GLU B 382 38.32 -33.11 -34.04
N THR B 383 38.08 -32.91 -32.74
CA THR B 383 36.88 -32.19 -32.31
C THR B 383 36.98 -30.70 -32.63
N THR B 384 38.16 -30.13 -32.44
CA THR B 384 38.40 -28.73 -32.78
C THR B 384 38.17 -28.45 -34.28
N GLU B 385 38.67 -29.33 -35.15
CA GLU B 385 38.45 -29.22 -36.61
C GLU B 385 36.99 -29.34 -36.97
N LYS B 386 36.29 -30.32 -36.41
CA LYS B 386 34.83 -30.43 -36.60
C LYS B 386 34.08 -29.15 -36.20
N SER B 387 34.47 -28.54 -35.08
CA SER B 387 33.79 -27.32 -34.60
C SER B 387 34.11 -26.12 -35.45
N LEU B 388 35.38 -25.98 -35.85
CA LEU B 388 35.77 -24.90 -36.77
C LEU B 388 35.03 -24.97 -38.11
N LYS B 389 34.91 -26.17 -38.67
CA LYS B 389 34.21 -26.36 -39.95
C LYS B 389 32.76 -25.86 -39.80
N MET B 390 32.08 -26.35 -38.78
CA MET B 390 30.71 -25.90 -38.43
C MET B 390 30.55 -24.38 -38.40
N VAL B 391 31.47 -23.67 -37.76
CA VAL B 391 31.42 -22.19 -37.69
C VAL B 391 31.67 -21.57 -39.06
N GLN B 392 32.60 -22.14 -39.82
CA GLN B 392 32.86 -21.69 -41.19
C GLN B 392 31.62 -21.79 -42.07
N GLN B 393 30.92 -22.92 -41.98
CA GLN B 393 29.66 -23.15 -42.69
C GLN B 393 28.60 -22.14 -42.29
N GLU B 394 28.46 -21.90 -40.98
CA GLU B 394 27.51 -20.93 -40.46
C GLU B 394 27.82 -19.51 -40.95
N CYS B 395 29.09 -19.08 -40.90
CA CYS B 395 29.48 -17.74 -41.41
C CYS B 395 29.29 -17.59 -42.94
N LYS B 396 29.40 -18.69 -43.68
CA LYS B 396 29.14 -18.69 -45.13
C LYS B 396 27.64 -18.45 -45.38
N HIS B 397 26.77 -19.18 -44.70
CA HIS B 397 25.30 -18.89 -44.71
C HIS B 397 24.97 -17.42 -44.37
N PHE B 398 25.65 -16.86 -43.37
CA PHE B 398 25.49 -15.42 -43.05
C PHE B 398 25.88 -14.53 -44.22
N GLN B 399 27.00 -14.85 -44.86
CA GLN B 399 27.46 -14.08 -46.02
C GLN B 399 26.49 -14.21 -47.20
N ASN B 400 26.07 -15.43 -47.49
CA ASN B 400 25.08 -15.69 -48.55
C ASN B 400 23.76 -14.94 -48.30
N LEU B 401 23.21 -15.10 -47.08
CA LEU B 401 21.82 -14.68 -46.75
C LEU B 401 21.62 -13.27 -46.19
N GLY B 402 22.64 -12.72 -45.54
CA GLY B 402 22.51 -11.46 -44.81
C GLY B 402 21.88 -11.67 -43.45
N LYS B 403 21.77 -10.59 -42.67
CA LYS B 403 21.30 -10.64 -41.29
C LYS B 403 19.88 -11.15 -41.15
N ASP B 404 18.97 -10.54 -41.90
CA ASP B 404 17.56 -10.87 -41.83
C ASP B 404 17.31 -12.30 -42.32
N GLY B 405 17.93 -12.64 -43.45
CA GLY B 405 17.83 -13.97 -44.02
C GLY B 405 18.26 -15.07 -43.08
N LEU B 406 19.36 -14.85 -42.36
CA LEU B 406 19.84 -15.81 -41.39
C LEU B 406 19.02 -15.80 -40.11
N LYS B 407 18.51 -14.65 -39.72
CA LYS B 407 17.58 -14.60 -38.61
C LYS B 407 16.35 -15.49 -38.86
N TYR B 408 15.78 -15.45 -40.06
CA TYR B 408 14.59 -16.27 -40.36
C TYR B 408 14.89 -17.77 -40.31
N HIS B 409 16.05 -18.20 -40.79
CA HIS B 409 16.49 -19.61 -40.65
C HIS B 409 16.57 -20.05 -39.17
N TYR B 410 17.16 -19.22 -38.31
CA TYR B 410 17.23 -19.54 -36.86
C TYR B 410 15.87 -19.49 -36.15
N LEU B 411 15.01 -18.55 -36.52
CA LEU B 411 13.63 -18.50 -35.98
C LEU B 411 12.89 -19.78 -36.29
N ILE B 412 13.03 -20.30 -37.52
CA ILE B 412 12.36 -21.55 -37.87
C ILE B 412 12.90 -22.70 -37.04
N ARG B 413 14.21 -22.85 -36.97
CA ARG B 413 14.82 -23.96 -36.23
C ARG B 413 14.53 -23.91 -34.74
N LEU B 414 14.70 -22.74 -34.14
CA LEU B 414 14.41 -22.56 -32.72
C LEU B 414 12.99 -22.84 -32.37
N THR B 415 12.06 -22.35 -33.19
CA THR B 415 10.65 -22.57 -32.94
C THR B 415 10.31 -24.07 -33.11
N LYS B 416 10.97 -24.75 -34.05
CA LYS B 416 10.77 -26.20 -34.23
C LYS B 416 11.19 -27.04 -33.03
N ILE B 417 12.32 -26.67 -32.40
CA ILE B 417 12.85 -27.45 -31.27
C ILE B 417 12.25 -27.03 -29.93
N ALA B 418 11.81 -25.78 -29.80
CA ALA B 418 11.33 -25.23 -28.52
C ALA B 418 10.03 -24.47 -28.71
N PRO B 419 9.02 -25.12 -29.31
CA PRO B 419 7.78 -24.40 -29.63
C PRO B 419 6.94 -23.99 -28.41
N GLN B 420 7.24 -24.54 -27.24
CA GLN B 420 6.53 -24.17 -26.00
C GLN B 420 6.93 -22.77 -25.52
N LEU B 421 8.07 -22.26 -25.94
CA LEU B 421 8.45 -20.90 -25.56
C LEU B 421 7.52 -19.87 -26.16
N SER B 422 7.42 -18.73 -25.48
CA SER B 422 6.57 -17.65 -25.97
C SER B 422 7.19 -17.12 -27.25
N THR B 423 6.34 -16.55 -28.09
CA THR B 423 6.80 -15.99 -29.35
C THR B 423 7.79 -14.84 -29.13
N GLU B 424 7.50 -13.98 -28.16
CA GLU B 424 8.42 -12.90 -27.77
C GLU B 424 9.81 -13.41 -27.41
N GLU B 425 9.88 -14.49 -26.65
CA GLU B 425 11.16 -15.03 -26.25
C GLU B 425 11.88 -15.68 -27.44
N LEU B 426 11.14 -16.43 -28.28
CA LEU B 426 11.75 -17.00 -29.48
C LEU B 426 12.36 -15.95 -30.37
N VAL B 427 11.65 -14.83 -30.56
CA VAL B 427 12.15 -13.73 -31.37
C VAL B 427 13.41 -13.14 -30.76
N SER B 428 13.43 -12.98 -29.44
CA SER B 428 14.60 -12.43 -28.77
C SER B 428 15.82 -13.38 -28.90
N LEU B 429 15.57 -14.68 -28.71
CA LEU B 429 16.62 -15.68 -28.82
C LEU B 429 17.21 -15.75 -30.21
N GLY B 430 16.34 -15.65 -31.21
CA GLY B 430 16.78 -15.59 -32.60
C GLY B 430 17.59 -14.38 -32.95
N GLU B 431 17.15 -13.21 -32.51
CA GLU B 431 17.92 -11.98 -32.64
C GLU B 431 19.31 -12.12 -31.96
N LYS B 432 19.39 -12.74 -30.79
CA LYS B 432 20.67 -12.88 -30.11
C LYS B 432 21.58 -13.85 -30.86
N MET B 433 21.00 -14.93 -31.41
CA MET B 433 21.76 -15.89 -32.18
C MET B 433 22.43 -15.29 -33.42
N VAL B 434 21.71 -14.45 -34.16
CA VAL B 434 22.27 -13.81 -35.38
C VAL B 434 23.31 -12.73 -35.08
N THR B 435 23.16 -12.03 -33.95
CA THR B 435 24.16 -11.05 -33.47
C THR B 435 25.54 -11.66 -33.17
N ALA B 436 25.57 -12.92 -32.75
CA ALA B 436 26.81 -13.66 -32.70
C ALA B 436 27.55 -13.61 -34.03
N PHE B 437 26.83 -13.86 -35.12
CA PHE B 437 27.43 -13.88 -36.47
C PHE B 437 27.73 -12.48 -37.04
N THR B 438 26.82 -11.53 -36.80
CA THR B 438 27.07 -10.13 -37.17
C THR B 438 28.31 -9.56 -36.51
N THR B 439 28.51 -9.88 -35.23
CA THR B 439 29.68 -9.41 -34.50
C THR B 439 30.97 -10.14 -34.91
N CYS B 440 30.90 -11.46 -35.10
CA CYS B 440 32.10 -12.31 -35.15
C CYS B 440 32.66 -12.68 -36.52
N CYS B 441 31.80 -12.81 -37.54
CA CYS B 441 32.18 -13.51 -38.79
C CYS B 441 33.32 -12.87 -39.59
N THR B 442 33.40 -11.54 -39.60
CA THR B 442 34.52 -10.88 -40.32
C THR B 442 35.83 -10.86 -39.52
N LEU B 443 35.74 -10.94 -38.18
CA LEU B 443 36.88 -10.71 -37.29
C LEU B 443 37.93 -11.81 -37.36
N SER B 444 39.16 -11.45 -36.98
CA SER B 444 40.21 -12.44 -36.74
C SER B 444 39.81 -13.19 -35.48
N GLU B 445 39.98 -14.51 -35.54
CA GLU B 445 39.43 -15.43 -34.55
C GLU B 445 37.91 -15.38 -34.43
N GLU B 446 37.26 -15.65 -35.57
CA GLU B 446 35.82 -15.77 -35.62
C GLU B 446 35.34 -16.97 -34.82
N PHE B 447 36.13 -18.06 -34.78
CA PHE B 447 35.69 -19.32 -34.16
C PHE B 447 35.39 -19.14 -32.66
N ALA B 448 36.34 -18.55 -31.94
CA ALA B 448 36.21 -18.30 -30.50
C ALA B 448 35.03 -17.38 -30.22
N CYS B 449 34.99 -16.24 -30.92
CA CYS B 449 33.95 -15.24 -30.77
C CYS B 449 32.55 -15.86 -31.04
N VAL B 450 32.38 -16.57 -32.14
CA VAL B 450 31.07 -17.13 -32.49
C VAL B 450 30.66 -18.13 -31.40
N ASP B 451 31.53 -19.08 -31.12
CA ASP B 451 31.19 -20.14 -30.19
C ASP B 451 30.95 -19.64 -28.75
N ASN B 452 31.71 -18.65 -28.28
CA ASN B 452 31.48 -18.00 -26.97
C ASN B 452 30.11 -17.29 -26.93
N LEU B 453 29.81 -16.48 -27.93
CA LEU B 453 28.51 -15.75 -27.97
C LEU B 453 27.32 -16.66 -28.18
N ALA B 454 27.46 -17.65 -29.04
CA ALA B 454 26.36 -18.57 -29.32
C ALA B 454 26.03 -19.46 -28.11
N ASP B 455 27.03 -19.86 -27.34
CA ASP B 455 26.81 -20.55 -26.06
C ASP B 455 25.91 -19.76 -25.05
N LEU B 456 26.10 -18.44 -24.98
CA LEU B 456 25.27 -17.56 -24.15
C LEU B 456 23.77 -17.63 -24.50
N VAL B 457 23.46 -17.79 -25.79
CA VAL B 457 22.10 -17.84 -26.26
C VAL B 457 21.37 -19.05 -25.68
N PHE B 458 22.00 -20.21 -25.73
CA PHE B 458 21.38 -21.41 -25.17
C PHE B 458 21.35 -21.40 -23.66
N GLY B 459 22.34 -20.76 -23.03
CA GLY B 459 22.24 -20.42 -21.62
C GLY B 459 20.96 -19.69 -21.25
N GLU B 460 20.59 -18.67 -22.04
CA GLU B 460 19.36 -17.87 -21.82
C GLU B 460 18.11 -18.72 -21.94
N LEU B 461 18.10 -19.56 -22.96
CA LEU B 461 17.05 -20.53 -23.17
C LEU B 461 16.76 -21.35 -21.90
N CYS B 462 17.81 -21.85 -21.24
CA CYS B 462 17.69 -22.82 -20.12
C CYS B 462 17.37 -22.25 -18.73
N GLY B 463 17.45 -20.93 -18.58
CA GLY B 463 17.11 -20.24 -17.35
C GLY B 463 18.34 -19.87 -16.53
N VAL B 464 18.26 -18.70 -15.87
CA VAL B 464 19.30 -18.20 -14.98
C VAL B 464 19.10 -18.69 -13.57
N ASN B 465 17.93 -18.41 -12.99
CA ASN B 465 17.61 -18.76 -11.61
C ASN B 465 16.44 -19.74 -11.51
N GLU B 466 16.22 -20.49 -12.57
CA GLU B 466 15.15 -21.48 -12.57
C GLU B 466 15.47 -22.63 -13.51
N ASN B 467 14.93 -23.80 -13.19
CA ASN B 467 14.97 -24.94 -14.08
C ASN B 467 13.64 -24.99 -14.83
N ARG B 468 13.71 -24.78 -16.14
CA ARG B 468 12.52 -24.61 -16.94
C ARG B 468 12.08 -25.97 -17.43
N THR B 469 10.80 -26.09 -17.73
CA THR B 469 10.25 -27.26 -18.41
C THR B 469 9.71 -26.81 -19.77
N ILE B 470 10.49 -27.06 -20.82
CA ILE B 470 10.12 -26.64 -22.15
C ILE B 470 9.57 -27.88 -22.84
N ASN B 471 10.42 -28.84 -23.15
CA ASN B 471 9.97 -30.16 -23.58
C ASN B 471 11.08 -31.13 -23.22
N PRO B 472 10.81 -32.45 -23.25
CA PRO B 472 11.80 -33.42 -22.79
C PRO B 472 13.18 -33.35 -23.46
N ALA B 473 13.23 -33.16 -24.78
CA ALA B 473 14.51 -33.15 -25.48
C ALA B 473 15.32 -31.89 -25.15
N VAL B 474 14.68 -30.73 -25.12
CA VAL B 474 15.34 -29.49 -24.71
C VAL B 474 15.80 -29.55 -23.24
N ASP B 475 14.96 -30.07 -22.34
CA ASP B 475 15.30 -30.16 -20.93
C ASP B 475 16.55 -31.03 -20.75
N HIS B 476 16.65 -32.10 -21.55
CA HIS B 476 17.82 -32.96 -21.51
C HIS B 476 19.09 -32.20 -21.91
N CYS B 477 19.04 -31.41 -23.00
CA CYS B 477 20.18 -30.56 -23.37
C CYS B 477 20.54 -29.47 -22.32
N CYS B 478 19.54 -28.87 -21.68
CA CYS B 478 19.76 -27.83 -20.68
C CYS B 478 20.47 -28.35 -19.46
N LYS B 479 20.18 -29.58 -19.06
CA LYS B 479 20.53 -30.05 -17.73
C LYS B 479 21.67 -31.07 -17.67
N THR B 480 22.00 -31.70 -18.79
CA THR B 480 22.91 -32.85 -18.76
C THR B 480 24.40 -32.49 -18.69
N ASN B 481 24.83 -31.51 -19.48
CA ASN B 481 26.27 -31.32 -19.70
C ASN B 481 26.59 -29.91 -20.18
N PHE B 482 27.32 -29.15 -19.39
CA PHE B 482 27.55 -27.75 -19.67
C PHE B 482 28.30 -27.55 -20.96
N ALA B 483 29.46 -28.21 -21.07
CA ALA B 483 30.35 -28.01 -22.23
C ALA B 483 29.75 -28.46 -23.57
N PHE B 484 28.95 -29.54 -23.54
CA PHE B 484 28.31 -30.09 -24.75
C PHE B 484 26.87 -29.59 -25.01
N ARG B 485 26.47 -28.54 -24.29
CA ARG B 485 25.10 -28.00 -24.39
C ARG B 485 24.77 -27.50 -25.79
N ARG B 486 25.59 -26.61 -26.34
CA ARG B 486 25.38 -26.09 -27.68
C ARG B 486 25.28 -27.20 -28.77
N PRO B 487 26.28 -28.11 -28.85
CA PRO B 487 26.12 -29.17 -29.86
C PRO B 487 24.96 -30.12 -29.59
N CYS B 488 24.55 -30.31 -28.34
CA CYS B 488 23.33 -31.09 -28.02
C CYS B 488 22.12 -30.45 -28.71
N PHE B 489 21.96 -29.13 -28.54
CA PHE B 489 20.86 -28.35 -29.10
C PHE B 489 20.86 -28.34 -30.64
N GLU B 490 22.04 -28.23 -31.22
CA GLU B 490 22.21 -28.23 -32.66
C GLU B 490 21.91 -29.57 -33.34
N SER B 491 22.02 -30.67 -32.61
CA SER B 491 21.56 -31.97 -33.05
C SER B 491 20.07 -32.27 -32.83
N LEU B 492 19.31 -31.40 -32.16
CA LEU B 492 17.89 -31.69 -31.94
C LEU B 492 17.10 -31.58 -33.23
N LYS B 493 16.14 -32.49 -33.40
CA LYS B 493 15.15 -32.40 -34.45
C LYS B 493 13.91 -31.75 -33.87
N ALA B 494 12.94 -31.48 -34.74
CA ALA B 494 11.67 -30.89 -34.35
C ALA B 494 11.07 -31.60 -33.14
N ASP B 495 10.51 -30.82 -32.20
CA ASP B 495 9.80 -31.39 -31.06
C ASP B 495 8.54 -32.11 -31.53
N LYS B 496 8.65 -33.43 -31.62
CA LYS B 496 7.50 -34.32 -31.84
C LYS B 496 6.44 -34.41 -30.70
N THR B 497 6.72 -33.89 -29.50
CA THR B 497 5.72 -33.85 -28.41
C THR B 497 4.72 -32.66 -28.52
N TYR B 498 4.94 -31.73 -29.45
CA TYR B 498 4.23 -30.43 -29.40
C TYR B 498 2.77 -30.49 -29.79
N VAL B 499 1.91 -30.06 -28.86
CA VAL B 499 0.48 -29.84 -29.13
C VAL B 499 0.24 -28.33 -29.12
N PRO B 500 0.04 -27.71 -30.30
CA PRO B 500 -0.10 -26.25 -30.31
C PRO B 500 -1.48 -25.79 -29.77
N PRO B 501 -1.53 -24.59 -29.15
CA PRO B 501 -2.83 -24.03 -28.84
C PRO B 501 -3.47 -23.50 -30.12
N PRO B 502 -4.75 -23.11 -30.07
CA PRO B 502 -5.36 -22.32 -31.14
C PRO B 502 -4.60 -21.02 -31.36
N PHE B 503 -4.55 -20.56 -32.61
CA PHE B 503 -4.01 -19.24 -32.94
C PHE B 503 -5.11 -18.48 -33.66
N SER B 504 -5.28 -17.21 -33.34
CA SER B 504 -6.31 -16.43 -33.98
C SER B 504 -5.82 -15.97 -35.34
N GLN B 505 -6.76 -15.77 -36.25
CA GLN B 505 -6.50 -15.34 -37.62
C GLN B 505 -5.80 -13.98 -37.66
N ASP B 506 -6.10 -13.12 -36.69
CA ASP B 506 -5.48 -11.81 -36.63
C ASP B 506 -3.96 -11.84 -36.42
N LEU B 507 -3.40 -12.91 -35.84
CA LEU B 507 -1.93 -13.08 -35.79
C LEU B 507 -1.27 -13.09 -37.18
N PHE B 508 -2.03 -13.50 -38.20
CA PHE B 508 -1.51 -13.71 -39.53
C PHE B 508 -2.03 -12.74 -40.59
N THR B 509 -2.79 -11.74 -40.18
CA THR B 509 -3.40 -10.79 -41.11
C THR B 509 -2.52 -9.57 -41.16
N PHE B 510 -2.35 -9.00 -42.34
CA PHE B 510 -1.48 -7.84 -42.50
C PHE B 510 -2.39 -6.63 -42.70
N HIS B 511 -2.11 -5.54 -41.99
CA HIS B 511 -2.89 -4.32 -42.04
C HIS B 511 -2.07 -3.24 -42.73
N ALA B 512 -2.74 -2.16 -43.15
CA ALA B 512 -2.10 -1.00 -43.79
C ALA B 512 -0.92 -0.42 -42.98
N ASP B 513 -1.01 -0.48 -41.64
CA ASP B 513 0.10 -0.06 -40.73
C ASP B 513 1.45 -0.78 -40.97
N MET B 514 1.40 -1.96 -41.59
CA MET B 514 2.60 -2.71 -41.97
C MET B 514 3.44 -2.02 -43.08
N CYS B 515 2.83 -1.08 -43.81
CA CYS B 515 3.45 -0.38 -44.94
C CYS B 515 3.96 1.01 -44.53
N GLN B 516 5.10 0.99 -43.85
CA GLN B 516 5.80 2.18 -43.37
C GLN B 516 7.30 1.95 -43.57
N SER B 517 8.11 2.95 -43.24
CA SER B 517 9.57 2.83 -43.30
C SER B 517 10.10 1.85 -42.23
N GLN B 518 11.34 1.39 -42.38
CA GLN B 518 11.95 0.43 -41.45
C GLN B 518 11.74 1.01 -40.06
N ASN B 519 10.98 0.29 -39.22
N ASN B 519 11.02 0.28 -39.21
CA ASN B 519 10.57 0.77 -37.89
CA ASN B 519 10.56 0.79 -37.92
C ASN B 519 11.33 0.04 -36.78
C ASN B 519 11.20 0.05 -36.75
N GLU B 520 11.79 -1.17 -37.05
N GLU B 520 11.86 -1.08 -37.02
CA GLU B 520 12.48 -1.99 -36.02
CA GLU B 520 12.49 -1.88 -35.97
C GLU B 520 11.45 -2.74 -35.14
C GLU B 520 11.46 -2.71 -35.18
N GLU B 521 10.35 -2.07 -34.80
CA GLU B 521 9.14 -2.74 -34.31
C GLU B 521 8.28 -3.27 -35.48
N LEU B 522 8.62 -2.88 -36.71
CA LEU B 522 8.05 -3.49 -37.91
C LEU B 522 8.81 -4.81 -38.21
N GLN B 523 10.11 -4.80 -37.95
CA GLN B 523 10.93 -6.01 -38.01
C GLN B 523 10.48 -7.04 -36.96
N ARG B 524 10.15 -6.56 -35.76
N ARG B 524 10.14 -6.57 -35.76
CA ARG B 524 9.67 -7.45 -34.70
CA ARG B 524 9.66 -7.44 -34.69
C ARG B 524 8.30 -8.04 -35.02
C ARG B 524 8.29 -8.05 -35.02
N LYS B 525 7.45 -7.30 -35.72
CA LYS B 525 6.14 -7.81 -36.20
C LYS B 525 6.30 -8.93 -37.24
N THR B 526 7.22 -8.74 -38.18
CA THR B 526 7.58 -9.76 -39.16
C THR B 526 8.15 -11.03 -38.47
N ASP B 527 9.05 -10.85 -37.51
CA ASP B 527 9.63 -11.97 -36.78
C ASP B 527 8.58 -12.73 -36.00
N ARG B 528 7.67 -12.02 -35.33
CA ARG B 528 6.58 -12.67 -34.58
C ARG B 528 5.67 -13.45 -35.50
N PHE B 529 5.38 -12.90 -36.67
CA PHE B 529 4.56 -13.58 -37.68
C PHE B 529 5.22 -14.91 -38.06
N LEU B 530 6.52 -14.88 -38.37
CA LEU B 530 7.21 -16.11 -38.75
C LEU B 530 7.18 -17.17 -37.65
N VAL B 531 7.42 -16.75 -36.39
CA VAL B 531 7.41 -17.67 -35.27
C VAL B 531 6.03 -18.28 -35.07
N ASN B 532 5.01 -17.44 -35.03
CA ASN B 532 3.61 -17.92 -34.93
C ASN B 532 3.24 -18.84 -36.09
N LEU B 533 3.73 -18.54 -37.29
CA LEU B 533 3.48 -19.40 -38.44
C LEU B 533 4.08 -20.78 -38.26
N VAL B 534 5.31 -20.82 -37.75
CA VAL B 534 5.99 -22.08 -37.55
C VAL B 534 5.27 -22.89 -36.48
N LYS B 535 4.77 -22.21 -35.44
CA LYS B 535 3.98 -22.90 -34.42
C LYS B 535 2.71 -23.51 -34.98
N LEU B 536 1.94 -22.70 -35.71
CA LEU B 536 0.73 -23.17 -36.35
C LEU B 536 0.99 -24.33 -37.32
N LYS B 537 2.02 -24.17 -38.14
CA LYS B 537 2.33 -25.16 -39.20
C LYS B 537 3.53 -26.01 -38.85
N HIS B 538 3.65 -26.43 -37.58
N HIS B 538 3.50 -26.60 -37.65
CA HIS B 538 4.85 -27.10 -37.04
CA HIS B 538 4.61 -27.40 -37.14
C HIS B 538 5.20 -28.43 -37.73
C HIS B 538 4.81 -28.78 -37.81
N GLU B 539 4.21 -29.06 -38.36
N GLU B 539 3.88 -29.33 -38.59
CA GLU B 539 4.37 -30.34 -39.09
CA GLU B 539 4.24 -30.56 -39.27
C GLU B 539 5.04 -30.22 -40.47
C GLU B 539 4.79 -30.31 -40.69
N LEU B 540 4.98 -29.04 -41.09
CA LEU B 540 5.68 -28.75 -42.36
C LEU B 540 7.18 -28.79 -42.19
N THR B 541 7.88 -29.03 -43.28
CA THR B 541 9.34 -29.00 -43.28
C THR B 541 9.80 -27.55 -43.20
N ASP B 542 11.05 -27.38 -42.82
CA ASP B 542 11.66 -26.06 -42.78
C ASP B 542 11.66 -25.39 -44.15
N GLU B 543 11.94 -26.16 -45.20
CA GLU B 543 11.84 -25.68 -46.58
C GLU B 543 10.42 -25.17 -46.91
N GLU B 544 9.37 -25.97 -46.63
CA GLU B 544 7.99 -25.55 -46.84
C GLU B 544 7.62 -24.27 -46.06
N LEU B 545 8.12 -24.13 -44.82
CA LEU B 545 7.88 -22.96 -44.00
C LEU B 545 8.60 -21.72 -44.54
N GLN B 546 9.83 -21.90 -44.99
CA GLN B 546 10.58 -20.85 -45.64
C GLN B 546 9.91 -20.41 -46.97
N SER B 547 9.38 -21.36 -47.71
CA SER B 547 8.67 -21.05 -48.97
C SER B 547 7.39 -20.25 -48.69
N LEU B 548 6.58 -20.74 -47.74
CA LEU B 548 5.36 -20.06 -47.36
C LEU B 548 5.67 -18.65 -46.84
N PHE B 549 6.74 -18.51 -46.09
CA PHE B 549 7.14 -17.21 -45.57
C PHE B 549 7.55 -16.25 -46.68
N THR B 550 8.37 -16.71 -47.62
CA THR B 550 8.72 -15.90 -48.80
C THR B 550 7.52 -15.49 -49.65
N ASN B 551 6.49 -16.33 -49.67
CA ASN B 551 5.23 -15.99 -50.34
C ASN B 551 4.59 -14.76 -49.68
N PHE B 552 4.42 -14.82 -48.36
CA PHE B 552 3.93 -13.67 -47.55
C PHE B 552 4.79 -12.42 -47.74
N ALA B 553 6.12 -12.55 -47.73
CA ALA B 553 7.03 -11.39 -47.90
C ALA B 553 6.85 -10.69 -49.26
N ASN B 554 6.77 -11.50 -50.32
CA ASN B 554 6.48 -11.02 -51.67
C ASN B 554 5.15 -10.24 -51.73
N VAL B 555 4.11 -10.79 -51.11
CA VAL B 555 2.84 -10.10 -51.04
C VAL B 555 2.92 -8.76 -50.26
N VAL B 556 3.69 -8.71 -49.16
CA VAL B 556 3.92 -7.45 -48.44
C VAL B 556 4.73 -6.46 -49.28
N ASP B 557 5.77 -6.91 -49.99
CA ASP B 557 6.51 -6.04 -50.91
C ASP B 557 5.62 -5.39 -51.98
N LYS B 558 4.71 -6.17 -52.57
CA LYS B 558 3.83 -5.66 -53.63
C LYS B 558 2.70 -4.78 -53.07
N CYS B 559 1.98 -5.26 -52.06
CA CYS B 559 0.87 -4.51 -51.46
C CYS B 559 1.28 -3.17 -50.81
N CYS B 560 2.54 -3.08 -50.35
CA CYS B 560 3.06 -1.83 -49.78
C CYS B 560 3.46 -0.78 -50.82
N LYS B 561 3.48 -1.15 -52.10
CA LYS B 561 3.60 -0.19 -53.19
C LYS B 561 2.26 0.32 -53.70
N ALA B 562 1.15 -0.26 -53.22
CA ALA B 562 -0.17 0.34 -53.43
C ALA B 562 -0.47 1.49 -52.45
N GLU B 563 -1.34 2.38 -52.90
CA GLU B 563 -1.88 3.43 -52.05
C GLU B 563 -2.90 2.83 -51.09
N SER B 564 -3.54 1.71 -51.45
CA SER B 564 -4.59 1.09 -50.65
C SER B 564 -4.22 -0.34 -50.17
N PRO B 565 -3.14 -0.47 -49.36
CA PRO B 565 -2.64 -1.82 -49.02
C PRO B 565 -3.64 -2.75 -48.33
N GLU B 566 -4.60 -2.17 -47.60
CA GLU B 566 -5.60 -2.97 -46.89
C GLU B 566 -6.31 -3.97 -47.81
N VAL B 567 -6.91 -3.48 -48.88
CA VAL B 567 -7.67 -4.35 -49.79
C VAL B 567 -6.73 -5.34 -50.49
N CYS B 568 -5.54 -4.87 -50.88
CA CYS B 568 -4.56 -5.72 -51.54
C CYS B 568 -4.23 -6.95 -50.69
N PHE B 569 -3.95 -6.74 -49.39
CA PHE B 569 -3.60 -7.84 -48.49
C PHE B 569 -4.67 -8.91 -48.37
N ASN B 570 -5.93 -8.48 -48.21
CA ASN B 570 -7.00 -9.46 -48.03
C ASN B 570 -7.36 -10.22 -49.32
N GLU B 571 -7.04 -9.65 -50.47
CA GLU B 571 -7.26 -10.33 -51.76
C GLU B 571 -5.99 -10.95 -52.43
N GLU B 572 -4.82 -10.83 -51.81
CA GLU B 572 -3.58 -11.48 -52.33
C GLU B 572 -2.83 -12.38 -51.35
N SER B 573 -3.09 -12.26 -50.04
CA SER B 573 -2.37 -13.07 -49.05
C SER B 573 -2.57 -14.55 -49.23
N PRO B 574 -1.48 -15.34 -49.09
CA PRO B 574 -1.65 -16.78 -49.08
C PRO B 574 -2.62 -17.22 -48.00
N LYS B 575 -3.38 -18.27 -48.28
CA LYS B 575 -4.23 -18.89 -47.29
C LYS B 575 -3.35 -19.63 -46.31
N ILE B 576 -3.74 -19.55 -45.05
CA ILE B 576 -3.13 -20.29 -43.95
C ILE B 576 -4.05 -21.41 -43.50
N GLY B 577 -5.36 -21.14 -43.41
CA GLY B 577 -6.33 -22.11 -42.90
C GLY B 577 -6.66 -23.18 -43.91
N ASN B 578 -7.88 -23.72 -43.80
CA ASN B 578 -8.37 -24.76 -44.72
C ASN B 578 -9.90 -24.84 -44.76
N LYS B 579 -10.55 -23.68 -44.91
CA LYS B 579 -12.03 -23.54 -45.01
C LYS B 579 -12.81 -24.02 -43.78
N GLY B 580 -13.95 -23.38 -43.51
CA GLY B 580 -14.79 -23.69 -42.33
C GLY B 580 -14.06 -23.51 -41.00
N GLU B 581 -13.12 -22.56 -40.98
CA GLU B 581 -12.17 -22.35 -39.89
C GLU B 581 -11.62 -20.95 -40.10
N ASN B 582 -12.31 -19.95 -39.54
CA ASN B 582 -12.10 -18.55 -39.92
C ASN B 582 -11.52 -17.63 -38.83
N LEU B 583 -11.94 -17.76 -37.57
CA LEU B 583 -11.39 -16.91 -36.48
C LEU B 583 -10.17 -17.53 -35.79
N TYR B 584 -10.23 -18.84 -35.55
CA TYR B 584 -9.20 -19.59 -34.84
C TYR B 584 -8.71 -20.73 -35.75
N PHE B 585 -7.39 -20.75 -36.02
CA PHE B 585 -6.75 -21.80 -36.83
C PHE B 585 -6.13 -22.87 -35.93
N GLN B 586 -6.27 -24.14 -36.34
CA GLN B 586 -5.73 -25.29 -35.62
C GLN B 586 -4.79 -26.07 -36.54
#